data_7XBX
#
_entry.id   7XBX
#
_cell.length_a   1.00
_cell.length_b   1.00
_cell.length_c   1.00
_cell.angle_alpha   90.00
_cell.angle_beta   90.00
_cell.angle_gamma   90.00
#
_symmetry.space_group_name_H-M   'P 1'
#
loop_
_entity.id
_entity.type
_entity.pdbx_description
1 polymer 'Guanine nucleotide-binding protein G(i) subunit alpha-1'
2 polymer 'Guanine nucleotide-binding protein G(I)/G(S)/G(T) subunit beta-1'
3 polymer 'Guanine nucleotide-binding protein G(I)/G(S)/G(O) subunit gamma-2'
4 polymer 'Processed fractalkine,CX3C chemokine receptor 1'
5 non-polymer CHOLESTEROL
#
loop_
_entity_poly.entity_id
_entity_poly.type
_entity_poly.pdbx_seq_one_letter_code
_entity_poly.pdbx_strand_id
1 'polypeptide(L)'
;MGCTLSAEDKAAVERSKMIDRNLREDGEKAAREVKLLLLGAGESGKCTIVKQMKIIHEAGYSEEECKQYKAVVYSNTIQS
IIAIIRAMGRLKIDFGDSARADDARQLFVLAGAAEEGFMTAELAGVIKRLWKDSGVQACFNRSREYQLNDSAAYYLNDLD
RIAQPNYIPTQQDVLRTRVKTTGIVETHFTFKDLHFKMFDVTAQRSERKKWIHCFEGVTAIIFCVALSDYDLVLAEDEEM
NRMHASMKLFDSICNNKWFTDTSIILFLNKKDLFEEKIKKSPLTICYPEYAGSNTYEEAAAYIQCQFEDLNKRKDTKEIY
THFTCSTDTKNVQFVFDAVTDVIIKNNLKDCGLF
;
C
2 'polypeptide(L)'
;HHHHHHMSELDQLRQEAEQLKNQIRDARKACADATLSQITNNIDPVGRIQMRTRRTLRGHLAKIYAMHWGTDSRLLVSAS
QDGKLIIWDSYTTNKVHAIPLRSSWVMTCAYAPSGNYVACGGLDNICSIYNLKTREGNVRVSRELAGHTGYLSCCRFLDD
NQIVTSSGDTTCALWDIETGQQTTTFTGHTGDVMSLSLAPDTRLFVSGACDASAKLWDVREGMCRQTFTGHESDINAICF
FPNGNAFATGSDDATCRLFDLRADQELMTYSHDNIICGITSVSFSKSGRLLLAGYDDFNCNVWDALKADRAGVLAGHDNR
VSCLGVTDDGMAVATGSWDSFLKIWN
;
D
3 'polypeptide(L)' MASNNTASIAQARKLVEQLKMEANIDRIKVSKAAADLMAYCEAHAKEDPLLTPVPASENPFREKKFFCAIL E
4 'polypeptide(L)'
;(PCA)HHGVTKCNITCSKMTSKIPVALLIHYQQNQASCCKRAIILETRQHRLFCADPKEQWVKDAMQHLDRQAAALTRNG
SGSGSGSGSGSGSGSGSGSGSGSGSGSDQFPESVTENFEYDDLAEACYIGDIVVFGTVFLSIFYSVIFAIGLVGNLLVVF
ALTNSKKPKSVTDIYLLNLALSDLLFVATLPFWTHYLINEKGLHNAMCKFTTAFFFIGFFGSIFFLTVISIDRYLAIVLA
ANSMNNRTVQHGVTISLGVWAAAILVAAPQFMFTKQKENECCGDYPEVLQEIWPVLRNVETNFLGFLLPLLIMSYCYFRI
IQTLFSSKNHKKAKAIKLILLVVIVFFLFWTPYNVVIFLETLKLYDFFPSCDMRKDLRLALSVTETVAFSHCCLNPLIYA
FAGEKFRRYLYHLYGKCLAVLEFLEVLFQGPWSHPQFEKGGGSGGGSGGSAWSHPQFEKDYKDDDDK
;
R
#
loop_
_chem_comp.id
_chem_comp.type
_chem_comp.name
_chem_comp.formula
CLR non-polymer CHOLESTEROL 'C27 H46 O'
#
# COMPACT_ATOMS: atom_id res chain seq x y z
N SER A 6 35.77 -9.11 -3.69
CA SER A 6 34.35 -8.76 -3.72
C SER A 6 34.16 -7.25 -3.57
N ALA A 7 35.22 -6.49 -3.83
CA ALA A 7 35.14 -5.04 -3.73
C ALA A 7 34.13 -4.47 -4.73
N GLU A 8 34.15 -4.98 -5.96
CA GLU A 8 33.20 -4.48 -6.97
C GLU A 8 31.77 -4.84 -6.59
N ASP A 9 31.56 -6.01 -5.98
CA ASP A 9 30.23 -6.35 -5.49
C ASP A 9 29.76 -5.36 -4.43
N LYS A 10 30.64 -5.01 -3.50
CA LYS A 10 30.27 -4.05 -2.46
C LYS A 10 29.97 -2.68 -3.07
N ALA A 11 30.78 -2.25 -4.05
CA ALA A 11 30.53 -0.97 -4.70
C ALA A 11 29.18 -0.98 -5.41
N ALA A 12 28.87 -2.06 -6.12
CA ALA A 12 27.58 -2.15 -6.80
C ALA A 12 26.44 -2.14 -5.79
N VAL A 13 26.60 -2.85 -4.67
CA VAL A 13 25.53 -2.92 -3.68
C VAL A 13 25.28 -1.54 -3.08
N GLU A 14 26.35 -0.83 -2.72
CA GLU A 14 26.17 0.49 -2.11
C GLU A 14 25.59 1.49 -3.11
N ARG A 15 26.03 1.43 -4.38
CA ARG A 15 25.46 2.31 -5.39
C ARG A 15 23.98 2.01 -5.58
N SER A 16 23.62 0.73 -5.64
CA SER A 16 22.22 0.36 -5.79
C SER A 16 21.39 0.84 -4.61
N LYS A 17 21.93 0.70 -3.39
CA LYS A 17 21.20 1.17 -2.21
C LYS A 17 21.01 2.68 -2.26
N MET A 18 22.04 3.42 -2.66
CA MET A 18 21.94 4.87 -2.73
C MET A 18 20.88 5.30 -3.74
N ILE A 19 20.92 4.70 -4.94
CA ILE A 19 19.95 5.10 -5.95
C ILE A 19 18.55 4.63 -5.58
N ASP A 20 18.44 3.52 -4.83
CA ASP A 20 17.14 3.09 -4.34
C ASP A 20 16.58 4.07 -3.32
N ARG A 21 17.44 4.59 -2.44
CA ARG A 21 16.99 5.62 -1.51
C ARG A 21 16.55 6.87 -2.26
N ASN A 22 17.30 7.25 -3.29
CA ASN A 22 16.89 8.39 -4.11
C ASN A 22 15.55 8.14 -4.77
N LEU A 23 15.35 6.92 -5.29
CA LEU A 23 14.07 6.57 -5.91
C LEU A 23 12.93 6.63 -4.91
N ARG A 24 13.16 6.13 -3.68
CA ARG A 24 12.13 6.20 -2.66
C ARG A 24 11.78 7.63 -2.31
N GLU A 25 12.80 8.49 -2.18
CA GLU A 25 12.54 9.90 -1.89
C GLU A 25 11.75 10.55 -3.02
N ASP A 26 12.12 10.25 -4.28
CA ASP A 26 11.40 10.82 -5.41
C ASP A 26 9.95 10.33 -5.43
N GLY A 27 9.73 9.06 -5.14
CA GLY A 27 8.37 8.54 -5.10
C GLY A 27 7.55 9.18 -4.00
N GLU A 28 8.15 9.38 -2.83
CA GLU A 28 7.45 10.07 -1.75
C GLU A 28 7.11 11.50 -2.16
N LYS A 29 8.04 12.19 -2.82
CA LYS A 29 7.76 13.54 -3.28
C LYS A 29 6.62 13.54 -4.29
N ALA A 30 6.60 12.58 -5.21
CA ALA A 30 5.53 12.50 -6.19
C ALA A 30 4.19 12.24 -5.51
N ALA A 31 4.16 11.33 -4.53
CA ALA A 31 2.93 11.08 -3.79
C ALA A 31 2.49 12.30 -3.00
N ARG A 32 3.44 13.15 -2.60
CA ARG A 32 3.12 14.38 -1.89
C ARG A 32 2.42 15.41 -2.78
N GLU A 33 2.39 15.18 -4.09
CA GLU A 33 1.77 16.10 -5.04
C GLU A 33 0.45 15.52 -5.51
N VAL A 34 -0.59 16.34 -5.50
CA VAL A 34 -1.92 15.90 -5.91
C VAL A 34 -1.99 15.86 -7.43
N LYS A 35 -2.64 14.84 -7.98
CA LYS A 35 -2.79 14.65 -9.41
C LYS A 35 -4.27 14.76 -9.78
N LEU A 36 -4.55 15.43 -10.89
CA LEU A 36 -5.89 15.60 -11.40
C LEU A 36 -5.93 15.30 -12.88
N LEU A 37 -7.09 14.87 -13.36
CA LEU A 37 -7.31 14.54 -14.76
C LEU A 37 -8.42 15.40 -15.33
N LEU A 38 -8.20 15.94 -16.53
CA LEU A 38 -9.16 16.78 -17.21
C LEU A 38 -9.86 15.99 -18.31
N LEU A 39 -11.15 16.28 -18.51
CA LEU A 39 -11.94 15.59 -19.51
C LEU A 39 -13.07 16.50 -19.96
N GLY A 40 -13.66 16.18 -21.09
CA GLY A 40 -14.75 16.97 -21.62
C GLY A 40 -15.16 16.48 -23.00
N ALA A 41 -15.96 17.30 -23.67
CA ALA A 41 -16.47 17.01 -25.01
C ALA A 41 -15.83 17.91 -26.05
N GLY A 42 -14.53 18.17 -25.90
CA GLY A 42 -13.79 19.04 -26.79
C GLY A 42 -13.56 20.44 -26.27
N GLU A 43 -14.31 20.86 -25.25
CA GLU A 43 -14.17 22.18 -24.64
C GLU A 43 -13.70 21.99 -23.20
N SER A 44 -12.48 22.41 -22.93
CA SER A 44 -11.89 22.28 -21.60
C SER A 44 -10.72 23.25 -21.49
N GLY A 45 -10.06 23.23 -20.33
CA GLY A 45 -8.92 24.08 -20.09
C GLY A 45 -9.24 25.51 -19.71
N LYS A 46 -10.52 25.85 -19.53
CA LYS A 46 -10.87 27.22 -19.15
C LYS A 46 -10.29 27.57 -17.79
N CYS A 47 -10.34 26.64 -16.84
CA CYS A 47 -9.80 26.91 -15.51
C CYS A 47 -8.31 27.20 -15.58
N THR A 48 -7.56 26.42 -16.35
CA THR A 48 -6.13 26.66 -16.49
C THR A 48 -5.84 28.01 -17.12
N ILE A 49 -6.62 28.37 -18.14
CA ILE A 49 -6.40 29.66 -18.82
C ILE A 49 -6.68 30.81 -17.87
N VAL A 50 -7.78 30.74 -17.11
CA VAL A 50 -8.15 31.81 -16.20
C VAL A 50 -7.38 31.77 -14.89
N LYS A 51 -6.57 30.74 -14.66
CA LYS A 51 -5.79 30.67 -13.43
C LYS A 51 -4.84 31.86 -13.30
N GLN A 52 -4.43 32.44 -14.43
CA GLN A 52 -3.55 33.61 -14.52
C GLN A 52 -2.10 33.26 -14.24
N MET A 53 -1.79 32.01 -13.89
CA MET A 53 -0.40 31.63 -13.64
C MET A 53 -0.27 30.12 -13.85
N LYS A 54 0.96 29.70 -14.12
CA LYS A 54 1.26 28.29 -14.35
C LYS A 54 2.69 28.02 -13.91
N ILE A 55 3.24 26.88 -14.33
CA ILE A 55 4.61 26.53 -14.01
C ILE A 55 5.57 27.61 -14.46
N THR A 182 2.51 17.12 -28.24
CA THR A 182 2.36 16.56 -26.90
C THR A 182 0.96 15.99 -26.70
N GLY A 183 0.88 14.68 -26.41
CA GLY A 183 -0.41 14.05 -26.22
C GLY A 183 -1.14 14.60 -25.01
N ILE A 184 -0.43 14.83 -23.93
CA ILE A 184 -1.01 15.38 -22.71
C ILE A 184 -0.20 16.60 -22.29
N VAL A 185 -0.86 17.53 -21.60
CA VAL A 185 -0.24 18.75 -21.13
C VAL A 185 -0.30 18.76 -19.61
N GLU A 186 0.86 18.85 -18.97
CA GLU A 186 0.96 18.90 -17.52
C GLU A 186 1.16 20.35 -17.09
N THR A 187 0.24 20.85 -16.27
CA THR A 187 0.26 22.23 -15.80
C THR A 187 0.48 22.22 -14.29
N HIS A 188 1.72 22.45 -13.87
CA HIS A 188 2.03 22.53 -12.45
C HIS A 188 1.34 23.74 -11.84
N PHE A 189 0.75 23.55 -10.66
CA PHE A 189 -0.02 24.60 -10.02
C PHE A 189 -0.03 24.34 -8.52
N THR A 190 0.21 25.40 -7.74
CA THR A 190 0.29 25.29 -6.29
C THR A 190 -0.65 26.30 -5.66
N PHE A 191 -1.46 25.84 -4.71
CA PHE A 191 -2.35 26.71 -3.94
C PHE A 191 -2.37 26.25 -2.50
N LYS A 192 -2.32 27.20 -1.58
CA LYS A 192 -2.34 26.91 -0.14
C LYS A 192 -1.25 25.90 0.22
N ASP A 193 -0.08 26.08 -0.38
CA ASP A 193 1.07 25.20 -0.16
C ASP A 193 0.74 23.75 -0.53
N LEU A 194 -0.14 23.56 -1.50
CA LEU A 194 -0.49 22.23 -2.00
C LEU A 194 -0.32 22.23 -3.51
N HIS A 195 0.51 21.31 -4.01
CA HIS A 195 0.80 21.24 -5.43
C HIS A 195 -0.29 20.49 -6.18
N PHE A 196 -0.52 20.92 -7.42
CA PHE A 196 -1.54 20.32 -8.28
C PHE A 196 -0.89 19.83 -9.57
N LYS A 197 -1.57 18.88 -10.23
CA LYS A 197 -1.06 18.31 -11.48
C LYS A 197 -2.27 17.97 -12.34
N MET A 198 -2.53 18.81 -13.35
CA MET A 198 -3.62 18.59 -14.29
C MET A 198 -3.06 18.09 -15.61
N PHE A 199 -3.60 16.98 -16.10
CA PHE A 199 -3.13 16.35 -17.33
C PHE A 199 -4.30 16.31 -18.31
N ASP A 200 -4.37 17.31 -19.19
CA ASP A 200 -5.40 17.33 -20.22
C ASP A 200 -5.17 16.20 -21.20
N VAL A 201 -6.27 15.54 -21.61
CA VAL A 201 -6.19 14.40 -22.51
C VAL A 201 -7.13 14.60 -23.69
N THR A 202 -7.48 15.85 -23.98
CA THR A 202 -8.36 16.13 -25.11
C THR A 202 -7.67 15.93 -26.45
N ALA A 203 -6.34 15.89 -26.46
CA ALA A 203 -5.58 15.70 -27.69
C ALA A 203 -5.41 14.25 -28.09
N GLN A 204 -5.88 13.30 -27.27
CA GLN A 204 -5.75 11.89 -27.55
C GLN A 204 -6.94 11.45 -28.39
N ARG A 205 -6.68 11.05 -29.64
CA ARG A 205 -7.73 10.62 -30.56
C ARG A 205 -7.92 9.11 -30.56
N SER A 206 -7.16 8.37 -29.76
CA SER A 206 -7.31 6.92 -29.70
C SER A 206 -8.45 6.54 -28.77
N GLU A 207 -8.65 5.24 -28.60
CA GLU A 207 -9.71 4.76 -27.70
C GLU A 207 -9.45 5.26 -26.28
N ARG A 208 -10.49 5.86 -25.69
CA ARG A 208 -10.32 6.45 -24.37
C ARG A 208 -9.99 5.40 -23.32
N LYS A 209 -10.69 4.26 -23.35
CA LYS A 209 -10.52 3.26 -22.30
C LYS A 209 -9.11 2.70 -22.28
N LYS A 210 -8.40 2.75 -23.41
CA LYS A 210 -7.09 2.10 -23.48
C LYS A 210 -6.03 2.91 -22.75
N TRP A 211 -6.14 4.24 -22.74
CA TRP A 211 -5.20 5.10 -22.03
C TRP A 211 -5.82 5.75 -20.79
N ILE A 212 -7.04 5.36 -20.43
CA ILE A 212 -7.64 5.88 -19.20
C ILE A 212 -7.27 5.03 -17.99
N HIS A 213 -7.02 3.73 -18.19
CA HIS A 213 -6.68 2.86 -17.06
C HIS A 213 -5.32 3.22 -16.46
N CYS A 214 -4.44 3.86 -17.22
CA CYS A 214 -3.15 4.27 -16.69
C CYS A 214 -3.25 5.52 -15.82
N PHE A 215 -4.42 6.16 -15.76
CA PHE A 215 -4.62 7.36 -14.97
C PHE A 215 -5.14 7.06 -13.57
N GLU A 216 -5.15 5.80 -13.15
CA GLU A 216 -5.59 5.47 -11.80
C GLU A 216 -4.69 6.12 -10.76
N GLY A 217 -5.25 6.40 -9.59
CA GLY A 217 -4.53 7.06 -8.53
C GLY A 217 -4.70 8.56 -8.50
N VAL A 218 -5.27 9.16 -9.55
CA VAL A 218 -5.53 10.59 -9.55
C VAL A 218 -6.60 10.88 -8.51
N THR A 219 -6.37 11.91 -7.68
CA THR A 219 -7.29 12.21 -6.60
C THR A 219 -8.68 12.53 -7.14
N ALA A 220 -8.75 13.46 -8.09
CA ALA A 220 -10.03 13.92 -8.62
C ALA A 220 -9.92 14.11 -10.12
N ILE A 221 -11.07 14.08 -10.79
CA ILE A 221 -11.17 14.25 -12.23
C ILE A 221 -11.97 15.53 -12.49
N ILE A 222 -11.37 16.46 -13.23
CA ILE A 222 -12.02 17.72 -13.57
C ILE A 222 -12.78 17.50 -14.88
N PHE A 223 -14.08 17.76 -14.86
CA PHE A 223 -14.94 17.60 -16.02
C PHE A 223 -15.45 18.96 -16.43
N CYS A 224 -14.94 19.48 -17.54
CA CYS A 224 -15.34 20.78 -18.07
C CYS A 224 -16.28 20.58 -19.24
N VAL A 225 -17.49 21.13 -19.14
CA VAL A 225 -18.50 21.02 -20.18
C VAL A 225 -19.15 22.38 -20.37
N ALA A 226 -19.35 22.76 -21.63
CA ALA A 226 -19.98 24.03 -21.95
C ALA A 226 -21.49 23.95 -21.69
N LEU A 227 -22.01 24.92 -20.96
CA LEU A 227 -23.44 24.94 -20.66
C LEU A 227 -24.27 25.13 -21.93
N SER A 228 -23.80 25.98 -22.84
CA SER A 228 -24.53 26.31 -24.05
C SER A 228 -24.29 25.32 -25.18
N ASP A 229 -23.84 24.10 -24.87
CA ASP A 229 -23.59 23.10 -25.89
C ASP A 229 -24.84 22.33 -26.29
N TYR A 230 -25.96 22.51 -25.59
CA TYR A 230 -27.18 21.78 -25.93
C TYR A 230 -27.67 22.13 -27.32
N ASP A 231 -27.66 23.43 -27.67
CA ASP A 231 -28.17 23.84 -28.97
C ASP A 231 -27.27 23.34 -30.09
N LEU A 232 -25.96 23.39 -29.90
CA LEU A 232 -25.03 22.96 -30.93
C LEU A 232 -25.15 21.46 -31.16
N VAL A 233 -25.01 21.05 -32.42
CA VAL A 233 -25.09 19.64 -32.80
C VAL A 233 -23.80 19.22 -33.47
N ASN A 241 -26.64 17.67 -29.91
CA ASN A 241 -25.99 16.36 -29.87
C ASN A 241 -24.76 16.41 -28.97
N ARG A 242 -24.23 17.61 -28.75
CA ARG A 242 -23.06 17.76 -27.88
C ARG A 242 -23.39 17.31 -26.46
N MET A 243 -24.57 17.67 -25.95
CA MET A 243 -24.96 17.24 -24.62
C MET A 243 -25.10 15.72 -24.56
N HIS A 244 -25.63 15.11 -25.62
CA HIS A 244 -25.73 13.65 -25.64
C HIS A 244 -24.35 13.01 -25.60
N ALA A 245 -23.39 13.57 -26.35
CA ALA A 245 -22.03 13.05 -26.31
C ALA A 245 -21.43 13.21 -24.92
N SER A 246 -21.68 14.35 -24.27
CA SER A 246 -21.17 14.53 -22.91
C SER A 246 -21.78 13.51 -21.95
N MET A 247 -23.09 13.24 -22.09
CA MET A 247 -23.75 12.24 -21.26
C MET A 247 -23.12 10.87 -21.47
N LYS A 248 -22.88 10.51 -22.74
CA LYS A 248 -22.27 9.22 -23.04
C LYS A 248 -20.87 9.11 -22.45
N LEU A 249 -20.07 10.18 -22.58
CA LEU A 249 -18.72 10.16 -22.02
C LEU A 249 -18.76 10.04 -20.50
N PHE A 250 -19.66 10.77 -19.84
CA PHE A 250 -19.78 10.67 -18.40
C PHE A 250 -20.19 9.26 -17.97
N ASP A 251 -21.14 8.66 -18.70
CA ASP A 251 -21.56 7.30 -18.37
C ASP A 251 -20.41 6.32 -18.55
N SER A 252 -19.63 6.47 -19.63
CA SER A 252 -18.48 5.59 -19.84
C SER A 252 -17.45 5.75 -18.74
N ILE A 253 -17.21 7.00 -18.31
CA ILE A 253 -16.26 7.24 -17.23
C ILE A 253 -16.74 6.58 -15.94
N CYS A 254 -18.03 6.72 -15.64
CA CYS A 254 -18.58 6.15 -14.42
C CYS A 254 -18.73 4.64 -14.48
N ASN A 255 -18.55 4.02 -15.64
CA ASN A 255 -18.73 2.59 -15.82
C ASN A 255 -17.50 1.95 -16.44
N ASN A 256 -16.32 2.41 -16.04
CA ASN A 256 -15.05 1.87 -16.52
C ASN A 256 -14.36 1.00 -15.48
N LYS A 257 -15.03 0.71 -14.35
CA LYS A 257 -14.51 -0.14 -13.29
C LYS A 257 -13.03 0.14 -12.98
N TRP A 258 -12.61 1.40 -13.15
CA TRP A 258 -11.23 1.79 -12.90
C TRP A 258 -11.10 2.99 -11.97
N PHE A 259 -12.13 3.82 -11.83
CA PHE A 259 -12.09 5.03 -11.02
C PHE A 259 -13.15 4.97 -9.92
N THR A 260 -13.31 3.79 -9.32
CA THR A 260 -14.34 3.62 -8.30
C THR A 260 -14.06 4.47 -7.06
N ASP A 261 -12.79 4.54 -6.64
CA ASP A 261 -12.42 5.21 -5.41
C ASP A 261 -12.04 6.67 -5.62
N THR A 262 -12.10 7.18 -6.85
CA THR A 262 -11.75 8.56 -7.15
C THR A 262 -13.00 9.33 -7.55
N SER A 263 -13.22 10.47 -6.90
CA SER A 263 -14.39 11.29 -7.19
C SER A 263 -14.18 12.08 -8.47
N ILE A 264 -15.26 12.67 -8.97
CA ILE A 264 -15.27 13.46 -10.19
C ILE A 264 -15.71 14.88 -9.85
N ILE A 265 -14.90 15.85 -10.25
CA ILE A 265 -15.22 17.26 -10.06
C ILE A 265 -15.85 17.78 -11.35
N LEU A 266 -17.03 18.38 -11.23
CA LEU A 266 -17.81 18.83 -12.36
C LEU A 266 -17.72 20.35 -12.48
N PHE A 267 -17.42 20.83 -13.68
CA PHE A 267 -17.41 22.25 -13.99
C PHE A 267 -18.35 22.52 -15.14
N LEU A 268 -19.24 23.48 -14.98
CA LEU A 268 -20.19 23.88 -16.01
C LEU A 268 -19.74 25.23 -16.57
N ASN A 269 -19.19 25.21 -17.78
CA ASN A 269 -18.59 26.39 -18.37
C ASN A 269 -19.62 27.23 -19.12
N LYS A 270 -19.23 28.47 -19.43
CA LYS A 270 -20.05 29.37 -20.23
C LYS A 270 -21.41 29.61 -19.58
N LYS A 271 -21.40 29.88 -18.27
CA LYS A 271 -22.64 30.24 -17.59
C LYS A 271 -23.06 31.67 -17.92
N ASP A 272 -22.09 32.55 -18.18
CA ASP A 272 -22.43 33.92 -18.54
C ASP A 272 -23.18 33.98 -19.86
N LEU A 273 -22.86 33.11 -20.80
CA LEU A 273 -23.60 33.03 -22.06
C LEU A 273 -24.89 32.25 -21.92
N PHE A 274 -25.03 31.49 -20.82
CA PHE A 274 -26.17 30.59 -20.69
C PHE A 274 -27.48 31.36 -20.63
N GLU A 275 -27.49 32.53 -19.98
CA GLU A 275 -28.75 33.28 -19.85
C GLU A 275 -29.29 33.70 -21.20
N GLU A 276 -28.45 34.33 -22.03
CA GLU A 276 -28.94 34.75 -23.35
C GLU A 276 -29.06 33.58 -24.31
N LYS A 277 -28.45 32.44 -24.00
CA LYS A 277 -28.71 31.23 -24.78
C LYS A 277 -30.05 30.60 -24.43
N ILE A 278 -30.51 30.80 -23.19
CA ILE A 278 -31.73 30.13 -22.74
C ILE A 278 -32.98 31.00 -22.89
N LYS A 279 -32.85 32.32 -22.94
CA LYS A 279 -34.04 33.14 -23.20
C LYS A 279 -34.79 32.67 -24.43
N LYS A 280 -34.06 32.33 -25.49
CA LYS A 280 -34.68 31.90 -26.74
C LYS A 280 -34.94 30.39 -26.74
N SER A 281 -33.94 29.60 -26.41
CA SER A 281 -34.09 28.14 -26.42
C SER A 281 -34.88 27.69 -25.19
N PRO A 282 -35.98 26.94 -25.36
CA PRO A 282 -36.72 26.46 -24.20
C PRO A 282 -36.12 25.24 -23.51
N LEU A 283 -35.00 24.72 -24.03
CA LEU A 283 -34.29 23.59 -23.44
C LEU A 283 -35.04 22.28 -23.69
N THR A 284 -36.25 22.36 -24.24
CA THR A 284 -37.01 21.14 -24.49
C THR A 284 -36.39 20.31 -25.60
N ILE A 285 -35.70 20.94 -26.54
CA ILE A 285 -35.09 20.20 -27.64
C ILE A 285 -34.05 19.21 -27.12
N CYS A 286 -33.23 19.65 -26.15
CA CYS A 286 -32.20 18.80 -25.58
C CYS A 286 -32.70 17.95 -24.43
N TYR A 287 -33.70 18.42 -23.70
CA TYR A 287 -34.25 17.72 -22.55
C TYR A 287 -35.77 17.60 -22.72
N PRO A 288 -36.22 16.65 -23.55
CA PRO A 288 -37.67 16.49 -23.73
C PRO A 288 -38.37 16.23 -22.40
N GLU A 289 -39.57 16.79 -22.26
CA GLU A 289 -40.34 16.67 -21.02
C GLU A 289 -39.59 17.31 -19.85
N TYR A 290 -39.02 18.49 -20.08
CA TYR A 290 -38.30 19.19 -19.02
C TYR A 290 -39.23 19.52 -17.86
N ALA A 291 -40.44 19.99 -18.16
CA ALA A 291 -41.45 20.32 -17.15
C ALA A 291 -40.89 21.31 -16.13
N GLY A 292 -40.54 22.49 -16.63
CA GLY A 292 -40.01 23.54 -15.78
C GLY A 292 -40.11 24.88 -16.46
N SER A 293 -39.90 25.93 -15.67
CA SER A 293 -39.97 27.29 -16.17
C SER A 293 -38.66 27.67 -16.87
N ASN A 294 -38.60 28.88 -17.40
CA ASN A 294 -37.42 29.37 -18.10
C ASN A 294 -36.42 30.04 -17.17
N THR A 295 -36.70 30.07 -15.86
CA THR A 295 -35.78 30.70 -14.92
C THR A 295 -34.43 29.98 -14.94
N TYR A 296 -33.36 30.77 -14.81
CA TYR A 296 -32.02 30.20 -14.85
C TYR A 296 -31.79 29.24 -13.68
N GLU A 297 -32.32 29.57 -12.51
CA GLU A 297 -32.12 28.71 -11.34
C GLU A 297 -32.65 27.31 -11.60
N GLU A 298 -33.88 27.21 -12.10
CA GLU A 298 -34.48 25.90 -12.32
C GLU A 298 -33.73 25.11 -13.40
N ALA A 299 -33.32 25.77 -14.48
CA ALA A 299 -32.59 25.08 -15.53
C ALA A 299 -31.25 24.56 -15.02
N ALA A 300 -30.52 25.38 -14.26
CA ALA A 300 -29.25 24.94 -13.70
C ALA A 300 -29.46 23.79 -12.73
N ALA A 301 -30.51 23.86 -11.90
CA ALA A 301 -30.81 22.78 -10.99
C ALA A 301 -31.10 21.49 -11.75
N TYR A 302 -31.85 21.59 -12.85
CA TYR A 302 -32.19 20.40 -13.62
C TYR A 302 -30.96 19.81 -14.30
N ILE A 303 -30.06 20.65 -14.80
CA ILE A 303 -28.81 20.14 -15.38
C ILE A 303 -27.98 19.42 -14.31
N GLN A 304 -27.86 20.03 -13.13
CA GLN A 304 -27.13 19.37 -12.07
C GLN A 304 -27.82 18.06 -11.66
N CYS A 305 -29.15 18.02 -11.72
CA CYS A 305 -29.87 16.78 -11.47
C CYS A 305 -29.52 15.73 -12.52
N GLN A 306 -29.43 16.14 -13.78
CA GLN A 306 -28.98 15.22 -14.82
C GLN A 306 -27.64 14.61 -14.46
N PHE A 307 -26.67 15.45 -14.08
CA PHE A 307 -25.35 14.92 -13.74
C PHE A 307 -25.40 14.05 -12.48
N GLU A 308 -26.26 14.39 -11.52
CA GLU A 308 -26.43 13.54 -10.35
C GLU A 308 -26.94 12.16 -10.74
N ASP A 309 -27.89 12.09 -11.68
CA ASP A 309 -28.45 10.81 -12.07
C ASP A 309 -27.40 9.90 -12.69
N LEU A 310 -26.39 10.46 -13.34
CA LEU A 310 -25.36 9.63 -13.98
C LEU A 310 -24.51 8.90 -12.95
N ASN A 311 -24.37 9.46 -11.75
CA ASN A 311 -23.51 8.87 -10.72
C ASN A 311 -24.19 7.62 -10.16
N LYS A 312 -24.10 6.54 -10.94
CA LYS A 312 -24.73 5.28 -10.53
C LYS A 312 -24.33 4.89 -9.12
N ARG A 313 -23.05 4.98 -8.80
CA ARG A 313 -22.56 4.73 -7.44
C ARG A 313 -22.51 6.07 -6.71
N LYS A 314 -23.39 6.25 -5.73
CA LYS A 314 -23.48 7.50 -4.99
C LYS A 314 -22.67 7.50 -3.69
N ASP A 315 -22.08 6.36 -3.32
CA ASP A 315 -21.31 6.25 -2.08
C ASP A 315 -19.81 6.37 -2.32
N THR A 316 -19.26 5.53 -3.20
CA THR A 316 -17.81 5.56 -3.43
C THR A 316 -17.36 6.89 -4.00
N LYS A 317 -18.13 7.44 -4.95
CA LYS A 317 -17.78 8.68 -5.63
C LYS A 317 -18.78 9.77 -5.27
N GLU A 318 -18.27 10.94 -4.90
CA GLU A 318 -19.10 12.10 -4.57
C GLU A 318 -18.77 13.19 -5.58
N ILE A 319 -19.73 13.49 -6.46
CA ILE A 319 -19.53 14.50 -7.50
C ILE A 319 -19.70 15.88 -6.88
N TYR A 320 -18.73 16.76 -7.14
CA TYR A 320 -18.78 18.16 -6.71
C TYR A 320 -18.94 19.03 -7.95
N THR A 321 -19.98 19.87 -7.95
CA THR A 321 -20.31 20.70 -9.09
C THR A 321 -20.20 22.17 -8.71
N HIS A 322 -19.63 22.97 -9.62
CA HIS A 322 -19.47 24.39 -9.39
C HIS A 322 -19.54 25.10 -10.74
N PHE A 323 -20.31 26.19 -10.79
CA PHE A 323 -20.49 26.96 -12.01
C PHE A 323 -19.32 27.92 -12.17
N THR A 324 -18.45 27.63 -13.13
CA THR A 324 -17.24 28.45 -13.32
C THR A 324 -17.63 29.89 -13.59
N CYS A 325 -16.94 30.81 -12.92
CA CYS A 325 -17.19 32.24 -13.03
C CYS A 325 -15.92 32.95 -13.46
N SER A 326 -16.06 34.25 -13.75
CA SER A 326 -14.92 35.03 -14.22
C SER A 326 -13.80 35.08 -13.20
N THR A 327 -14.14 35.27 -11.93
CA THR A 327 -13.13 35.35 -10.88
C THR A 327 -12.49 33.98 -10.69
N ASP A 328 -11.15 33.95 -10.74
CA ASP A 328 -10.44 32.69 -10.56
C ASP A 328 -10.40 32.25 -9.11
N THR A 329 -10.57 33.18 -8.17
CA THR A 329 -10.47 32.84 -6.75
C THR A 329 -11.54 31.84 -6.35
N LYS A 330 -12.78 32.04 -6.80
CA LYS A 330 -13.85 31.12 -6.44
C LYS A 330 -13.60 29.74 -7.04
N ASN A 331 -13.18 29.69 -8.31
CA ASN A 331 -12.93 28.40 -8.95
C ASN A 331 -11.81 27.64 -8.26
N VAL A 332 -10.70 28.33 -7.94
CA VAL A 332 -9.60 27.66 -7.27
C VAL A 332 -10.01 27.25 -5.86
N GLN A 333 -10.84 28.04 -5.19
CA GLN A 333 -11.32 27.65 -3.87
C GLN A 333 -12.14 26.37 -3.95
N PHE A 334 -13.03 26.27 -4.94
CA PHE A 334 -13.81 25.05 -5.09
C PHE A 334 -12.92 23.86 -5.42
N VAL A 335 -11.91 24.06 -6.28
CA VAL A 335 -10.98 22.98 -6.59
C VAL A 335 -10.26 22.52 -5.32
N PHE A 336 -9.80 23.47 -4.52
CA PHE A 336 -9.11 23.13 -3.28
C PHE A 336 -10.03 22.38 -2.33
N ASP A 337 -11.28 22.82 -2.21
CA ASP A 337 -12.23 22.13 -1.34
C ASP A 337 -12.48 20.71 -1.81
N ALA A 338 -12.66 20.52 -3.12
CA ALA A 338 -12.88 19.18 -3.64
C ALA A 338 -11.68 18.28 -3.41
N VAL A 339 -10.47 18.82 -3.62
CA VAL A 339 -9.26 18.02 -3.39
C VAL A 339 -9.14 17.67 -1.92
N THR A 340 -9.44 18.60 -1.02
CA THR A 340 -9.37 18.31 0.41
C THR A 340 -10.37 17.23 0.80
N ASP A 341 -11.59 17.31 0.25
CA ASP A 341 -12.59 16.28 0.55
C ASP A 341 -12.14 14.93 0.03
N VAL A 342 -11.57 14.88 -1.17
CA VAL A 342 -11.07 13.63 -1.73
C VAL A 342 -9.97 13.07 -0.86
N ILE A 343 -9.06 13.92 -0.41
CA ILE A 343 -7.96 13.47 0.44
C ILE A 343 -8.49 12.92 1.75
N ILE A 344 -9.48 13.60 2.34
CA ILE A 344 -10.08 13.12 3.59
C ILE A 344 -10.72 11.76 3.37
N LYS A 345 -11.45 11.59 2.28
CA LYS A 345 -12.09 10.31 2.00
C LYS A 345 -11.04 9.22 1.81
N ASN A 346 -9.96 9.51 1.09
CA ASN A 346 -8.92 8.52 0.86
C ASN A 346 -8.24 8.13 2.16
N ASN A 347 -7.97 9.11 3.03
CA ASN A 347 -7.31 8.84 4.29
C ASN A 347 -8.13 7.97 5.23
N LEU A 348 -9.42 7.81 4.96
CA LEU A 348 -10.29 6.94 5.75
C LEU A 348 -10.30 5.51 5.25
N LYS A 349 -9.52 5.19 4.22
CA LYS A 349 -9.45 3.83 3.68
C LYS A 349 -8.02 3.27 3.72
N ASP A 350 -7.10 3.96 4.37
CA ASP A 350 -5.72 3.49 4.49
C ASP A 350 -5.46 2.67 5.75
N CYS A 351 -6.48 2.49 6.59
CA CYS A 351 -6.31 1.72 7.81
C CYS A 351 -6.05 0.25 7.48
N GLY A 352 -5.37 -0.43 8.41
CA GLY A 352 -5.05 -1.84 8.22
C GLY A 352 -6.22 -2.77 8.41
N LEU A 353 -7.35 -2.27 8.92
CA LEU A 353 -8.54 -3.09 9.10
C LEU A 353 -9.42 -3.15 7.85
N PHE A 354 -9.09 -2.38 6.82
CA PHE A 354 -9.88 -2.35 5.60
C PHE A 354 -9.01 -2.70 4.39
N LEU B 36 -3.70 -28.14 -35.98
CA LEU B 36 -2.44 -28.40 -35.30
C LEU B 36 -2.62 -29.39 -34.16
N SER B 37 -3.81 -29.37 -33.54
CA SER B 37 -4.07 -30.28 -32.43
C SER B 37 -4.03 -31.74 -32.90
N GLN B 38 -4.61 -32.03 -34.06
CA GLN B 38 -4.58 -33.40 -34.58
C GLN B 38 -3.16 -33.83 -34.86
N ILE B 39 -2.35 -32.96 -35.47
CA ILE B 39 -0.96 -33.30 -35.75
C ILE B 39 -0.19 -33.50 -34.44
N THR B 40 -0.45 -32.64 -33.45
CA THR B 40 0.23 -32.70 -32.16
C THR B 40 -0.48 -33.57 -31.15
N ASN B 41 -1.26 -34.56 -31.61
CA ASN B 41 -1.93 -35.46 -30.69
C ASN B 41 -0.99 -36.52 -30.12
N ASN B 42 0.03 -36.92 -30.88
CA ASN B 42 0.91 -38.02 -30.49
C ASN B 42 2.14 -37.55 -29.73
N ILE B 43 2.34 -36.25 -29.56
CA ILE B 43 3.51 -35.74 -28.84
C ILE B 43 3.29 -35.85 -27.34
N ASP B 44 4.36 -35.74 -26.57
CA ASP B 44 4.29 -35.87 -25.12
C ASP B 44 4.15 -34.49 -24.49
N PRO B 45 3.04 -34.19 -23.80
CA PRO B 45 2.94 -32.88 -23.14
C PRO B 45 4.02 -32.70 -22.09
N VAL B 46 4.45 -31.45 -21.93
CA VAL B 46 5.48 -31.14 -20.94
C VAL B 46 4.99 -31.47 -19.53
N GLY B 47 3.71 -31.22 -19.26
CA GLY B 47 3.13 -31.50 -17.97
C GLY B 47 3.29 -30.34 -17.00
N ARG B 48 2.80 -30.56 -15.79
CA ARG B 48 2.84 -29.51 -14.76
C ARG B 48 4.28 -29.19 -14.40
N ILE B 49 4.57 -27.90 -14.23
CA ILE B 49 5.89 -27.41 -13.87
C ILE B 49 5.75 -26.59 -12.59
N GLN B 50 6.59 -26.90 -11.60
CA GLN B 50 6.56 -26.22 -10.31
C GLN B 50 7.39 -24.94 -10.39
N MET B 51 6.85 -23.96 -11.11
CA MET B 51 7.51 -22.68 -11.26
C MET B 51 7.49 -21.93 -9.94
N ARG B 52 8.64 -21.38 -9.55
CA ARG B 52 8.79 -20.68 -8.28
C ARG B 52 9.52 -19.37 -8.50
N THR B 53 9.28 -18.43 -7.59
CA THR B 53 9.90 -17.10 -7.66
C THR B 53 11.33 -17.21 -7.15
N ARG B 54 12.30 -17.16 -8.07
CA ARG B 54 13.70 -17.24 -7.67
C ARG B 54 14.10 -16.07 -6.78
N ARG B 55 13.64 -14.87 -7.13
CA ARG B 55 13.97 -13.67 -6.36
C ARG B 55 12.85 -12.65 -6.52
N THR B 56 12.79 -11.72 -5.58
CA THR B 56 11.76 -10.69 -5.54
C THR B 56 12.41 -9.33 -5.70
N LEU B 57 11.91 -8.53 -6.64
CA LEU B 57 12.38 -7.18 -6.89
C LEU B 57 11.30 -6.20 -6.47
N ARG B 58 11.62 -5.30 -5.54
CA ARG B 58 10.66 -4.38 -4.95
C ARG B 58 11.21 -2.97 -4.91
N GLY B 59 11.81 -2.54 -6.02
CA GLY B 59 12.33 -1.19 -6.14
C GLY B 59 11.37 -0.18 -6.73
N HIS B 60 10.15 -0.59 -7.05
CA HIS B 60 9.15 0.28 -7.65
C HIS B 60 7.98 0.49 -6.68
N LEU B 61 7.44 1.70 -6.66
CA LEU B 61 6.26 2.04 -5.87
C LEU B 61 5.05 2.32 -6.75
N ALA B 62 5.10 1.90 -8.01
CA ALA B 62 4.00 2.14 -8.95
C ALA B 62 3.93 0.98 -9.93
N LYS B 63 2.80 0.87 -10.62
CA LYS B 63 2.59 -0.22 -11.55
C LYS B 63 3.56 -0.13 -12.73
N ILE B 64 3.75 -1.27 -13.39
CA ILE B 64 4.68 -1.40 -14.50
C ILE B 64 3.91 -1.89 -15.72
N TYR B 65 4.16 -1.26 -16.87
CA TYR B 65 3.43 -1.54 -18.10
C TYR B 65 4.16 -2.46 -19.05
N ALA B 66 5.48 -2.31 -19.20
CA ALA B 66 6.23 -3.14 -20.13
C ALA B 66 7.67 -3.24 -19.65
N MET B 67 8.36 -4.26 -20.15
CA MET B 67 9.78 -4.47 -19.86
C MET B 67 10.40 -5.27 -21.00
N HIS B 68 11.73 -5.24 -21.06
CA HIS B 68 12.46 -5.94 -22.11
C HIS B 68 13.66 -6.66 -21.50
N TRP B 69 14.09 -7.72 -22.18
CA TRP B 69 15.24 -8.51 -21.76
C TRP B 69 16.41 -8.20 -22.69
N GLY B 70 17.58 -7.92 -22.10
CA GLY B 70 18.74 -7.59 -22.87
C GLY B 70 19.49 -8.80 -23.40
N THR B 71 20.46 -8.52 -24.27
CA THR B 71 21.29 -9.58 -24.81
C THR B 71 22.26 -10.12 -23.77
N ASP B 72 22.63 -9.31 -22.78
CA ASP B 72 23.52 -9.75 -21.72
C ASP B 72 22.90 -10.82 -20.84
N SER B 73 21.58 -11.04 -20.92
CA SER B 73 20.89 -12.07 -20.17
C SER B 73 20.94 -11.83 -18.66
N ARG B 74 21.31 -10.62 -18.24
CA ARG B 74 21.39 -10.28 -16.82
C ARG B 74 20.77 -8.94 -16.48
N LEU B 75 20.41 -8.11 -17.45
CA LEU B 75 19.85 -6.80 -17.21
C LEU B 75 18.49 -6.68 -17.87
N LEU B 76 17.54 -6.07 -17.16
CA LEU B 76 16.20 -5.82 -17.68
C LEU B 76 15.77 -4.42 -17.28
N VAL B 77 14.83 -3.87 -18.05
CA VAL B 77 14.38 -2.49 -17.87
C VAL B 77 12.90 -2.50 -17.52
N SER B 78 12.52 -1.66 -16.56
CA SER B 78 11.13 -1.51 -16.16
C SER B 78 10.81 -0.03 -16.02
N ALA B 79 9.53 0.29 -16.19
CA ALA B 79 9.07 1.68 -16.12
C ALA B 79 7.78 1.73 -15.30
N SER B 80 7.56 2.87 -14.66
CA SER B 80 6.40 3.05 -13.79
C SER B 80 6.05 4.54 -13.75
N GLN B 81 5.09 4.89 -12.90
CA GLN B 81 4.62 6.26 -12.80
C GLN B 81 5.45 7.12 -11.85
N ASP B 82 6.50 6.55 -11.25
CA ASP B 82 7.33 7.32 -10.33
C ASP B 82 8.04 8.47 -11.04
N GLY B 83 8.10 8.44 -12.37
CA GLY B 83 8.78 9.48 -13.12
C GLY B 83 10.24 9.21 -13.39
N LYS B 84 10.69 7.96 -13.26
CA LYS B 84 12.07 7.62 -13.54
C LYS B 84 12.14 6.19 -14.07
N LEU B 85 13.20 5.92 -14.82
CA LEU B 85 13.46 4.61 -15.40
C LEU B 85 14.72 4.02 -14.78
N ILE B 86 14.65 2.74 -14.42
CA ILE B 86 15.75 2.05 -13.75
C ILE B 86 16.08 0.79 -14.52
N ILE B 87 17.33 0.36 -14.40
CA ILE B 87 17.83 -0.87 -15.02
C ILE B 87 18.06 -1.88 -13.92
N TRP B 88 17.45 -3.06 -14.06
CA TRP B 88 17.47 -4.08 -13.02
C TRP B 88 18.51 -5.14 -13.35
N ASP B 89 19.31 -5.50 -12.35
CA ASP B 89 20.29 -6.58 -12.46
C ASP B 89 19.71 -7.79 -11.73
N SER B 90 19.13 -8.72 -12.49
CA SER B 90 18.47 -9.86 -11.88
C SER B 90 19.45 -10.79 -11.17
N TYR B 91 20.67 -10.91 -11.70
CA TYR B 91 21.63 -11.85 -11.12
C TYR B 91 21.95 -11.51 -9.67
N THR B 92 22.17 -10.24 -9.38
CA THR B 92 22.55 -9.78 -8.05
C THR B 92 21.44 -9.07 -7.31
N THR B 93 20.26 -8.95 -7.89
CA THR B 93 19.12 -8.27 -7.26
C THR B 93 19.52 -6.85 -6.86
N ASN B 94 19.87 -6.05 -7.86
CA ASN B 94 20.27 -4.67 -7.64
C ASN B 94 19.92 -3.85 -8.86
N LYS B 95 19.84 -2.54 -8.66
CA LYS B 95 19.62 -1.56 -9.71
C LYS B 95 20.92 -0.83 -10.01
N VAL B 96 21.23 -0.69 -11.30
CA VAL B 96 22.51 -0.12 -11.72
C VAL B 96 22.33 1.31 -12.17
N HIS B 97 21.14 1.65 -12.69
CA HIS B 97 20.88 2.97 -13.25
C HIS B 97 19.55 3.50 -12.71
N ALA B 98 19.49 4.82 -12.58
CA ALA B 98 18.27 5.52 -12.16
C ALA B 98 18.15 6.77 -13.03
N ILE B 99 17.32 6.69 -14.06
CA ILE B 99 17.19 7.73 -15.07
C ILE B 99 15.86 8.45 -14.83
N PRO B 100 15.86 9.69 -14.35
CA PRO B 100 14.59 10.42 -14.25
C PRO B 100 13.94 10.60 -15.61
N LEU B 101 12.61 10.53 -15.63
CA LEU B 101 11.83 10.65 -16.85
C LEU B 101 11.07 11.97 -16.84
N ARG B 102 11.20 12.73 -17.94
CA ARG B 102 10.45 13.97 -18.06
C ARG B 102 8.95 13.70 -18.09
N SER B 103 8.53 12.66 -18.80
CA SER B 103 7.13 12.27 -18.89
C SER B 103 6.86 11.18 -17.86
N SER B 104 6.12 11.53 -16.81
CA SER B 104 5.85 10.57 -15.74
C SER B 104 4.97 9.43 -16.25
N TRP B 105 4.03 9.72 -17.15
CA TRP B 105 3.08 8.72 -17.63
C TRP B 105 3.72 7.87 -18.74
N VAL B 106 4.79 7.18 -18.37
CA VAL B 106 5.47 6.26 -19.27
C VAL B 106 4.64 4.99 -19.40
N MET B 107 4.43 4.54 -20.64
CA MET B 107 3.60 3.37 -20.91
C MET B 107 4.38 2.19 -21.48
N THR B 108 5.63 2.39 -21.89
CA THR B 108 6.41 1.30 -22.46
C THR B 108 7.89 1.63 -22.35
N CYS B 109 8.71 0.59 -22.46
CA CYS B 109 10.16 0.75 -22.43
C CYS B 109 10.80 -0.40 -23.19
N ALA B 110 12.05 -0.18 -23.62
CA ALA B 110 12.79 -1.18 -24.34
C ALA B 110 14.27 -1.01 -24.04
N TYR B 111 15.03 -2.09 -24.24
CA TYR B 111 16.45 -2.13 -23.94
C TYR B 111 17.19 -2.54 -25.20
N ALA B 112 18.14 -1.72 -25.63
CA ALA B 112 18.80 -1.95 -26.90
C ALA B 112 19.65 -3.22 -26.84
N PRO B 113 19.74 -3.95 -27.95
CA PRO B 113 20.61 -5.15 -27.94
C PRO B 113 22.05 -4.85 -27.59
N SER B 114 22.58 -3.71 -28.05
CA SER B 114 23.94 -3.34 -27.72
C SER B 114 24.11 -2.99 -26.25
N GLY B 115 23.02 -2.64 -25.57
CA GLY B 115 23.08 -2.33 -24.16
C GLY B 115 23.53 -0.92 -23.82
N ASN B 116 23.70 -0.06 -24.82
CA ASN B 116 24.11 1.32 -24.58
C ASN B 116 22.95 2.31 -24.58
N TYR B 117 21.83 1.97 -25.22
CA TYR B 117 20.68 2.86 -25.33
C TYR B 117 19.44 2.17 -24.76
N VAL B 118 18.64 2.94 -24.03
CA VAL B 118 17.37 2.47 -23.48
C VAL B 118 16.28 3.45 -23.89
N ALA B 119 15.18 2.93 -24.41
CA ALA B 119 14.09 3.74 -24.94
C ALA B 119 12.84 3.57 -24.09
N CYS B 120 12.07 4.65 -23.98
CA CYS B 120 10.83 4.65 -23.23
C CYS B 120 9.79 5.49 -23.98
N GLY B 121 8.53 5.13 -23.81
CA GLY B 121 7.41 5.83 -24.40
C GLY B 121 6.73 6.76 -23.42
N GLY B 122 5.45 6.99 -23.66
CA GLY B 122 4.67 7.83 -22.76
C GLY B 122 3.46 8.41 -23.47
N LEU B 123 2.72 9.22 -22.72
CA LEU B 123 1.54 9.90 -23.22
C LEU B 123 1.87 11.24 -23.88
N ASP B 124 3.13 11.65 -23.87
CA ASP B 124 3.54 12.92 -24.47
C ASP B 124 3.92 12.77 -25.94
N ASN B 125 3.73 11.59 -26.52
CA ASN B 125 3.98 11.33 -27.92
C ASN B 125 5.46 11.46 -28.28
N ILE B 126 6.35 11.34 -27.31
CA ILE B 126 7.78 11.48 -27.51
C ILE B 126 8.48 10.25 -26.96
N CYS B 127 9.37 9.66 -27.77
CA CYS B 127 10.19 8.54 -27.35
C CYS B 127 11.56 9.06 -26.96
N SER B 128 11.95 8.82 -25.72
CA SER B 128 13.21 9.32 -25.17
C SER B 128 14.27 8.23 -25.20
N ILE B 129 15.44 8.57 -25.71
CA ILE B 129 16.58 7.65 -25.78
C ILE B 129 17.60 8.13 -24.76
N TYR B 130 18.00 7.23 -23.86
CA TYR B 130 18.92 7.55 -22.78
C TYR B 130 20.17 6.70 -22.90
N ASN B 131 21.33 7.36 -22.79
CA ASN B 131 22.60 6.65 -22.80
C ASN B 131 22.82 5.93 -21.48
N LEU B 132 23.60 4.85 -21.53
CA LEU B 132 23.92 4.03 -20.36
C LEU B 132 25.43 4.11 -20.15
N LYS B 133 25.87 5.13 -19.41
CA LYS B 133 27.28 5.33 -19.08
C LYS B 133 28.15 5.39 -20.34
N THR B 134 27.59 5.93 -21.43
CA THR B 134 28.36 6.04 -22.66
C THR B 134 29.53 6.98 -22.50
N ARG B 135 29.31 8.12 -21.83
CA ARG B 135 30.35 9.12 -21.62
C ARG B 135 30.34 9.53 -20.15
N GLU B 136 31.53 9.51 -19.52
CA GLU B 136 31.74 9.92 -18.15
C GLU B 136 31.03 9.01 -17.15
N GLY B 137 30.47 7.88 -17.59
CA GLY B 137 29.78 6.95 -16.72
C GLY B 137 28.39 7.36 -16.30
N ASN B 138 28.03 8.64 -16.40
CA ASN B 138 26.72 9.10 -16.01
C ASN B 138 25.69 8.75 -17.09
N VAL B 139 24.42 8.93 -16.74
CA VAL B 139 23.30 8.64 -17.63
C VAL B 139 22.70 9.96 -18.08
N ARG B 140 22.49 10.10 -19.39
CA ARG B 140 21.94 11.32 -19.95
C ARG B 140 21.10 10.96 -21.17
N VAL B 141 20.19 11.86 -21.53
CA VAL B 141 19.31 11.64 -22.66
C VAL B 141 20.07 11.86 -23.95
N SER B 142 20.03 10.89 -24.85
CA SER B 142 20.71 11.00 -26.12
C SER B 142 19.87 11.79 -27.12
N ARG B 143 18.58 11.48 -27.22
CA ARG B 143 17.68 12.18 -28.11
C ARG B 143 16.26 12.02 -27.61
N GLU B 144 15.38 12.93 -28.04
CA GLU B 144 13.97 12.91 -27.69
C GLU B 144 13.18 12.84 -28.99
N LEU B 145 12.94 11.62 -29.47
CA LEU B 145 12.23 11.43 -30.72
C LEU B 145 10.82 11.97 -30.61
N ALA B 146 10.39 12.71 -31.63
CA ALA B 146 9.07 13.33 -31.64
C ALA B 146 8.53 13.35 -33.06
N GLY B 147 7.21 13.45 -33.16
CA GLY B 147 6.55 13.49 -34.46
C GLY B 147 5.27 12.70 -34.50
N HIS B 148 4.98 11.95 -33.44
CA HIS B 148 3.76 11.17 -33.35
C HIS B 148 2.64 11.98 -32.71
N THR B 149 1.41 11.60 -33.02
CA THR B 149 0.21 12.22 -32.45
C THR B 149 -0.46 11.37 -31.39
N GLY B 150 -0.58 10.05 -31.61
CA GLY B 150 -1.17 9.18 -30.64
C GLY B 150 -0.17 8.67 -29.61
N TYR B 151 -0.70 8.24 -28.48
CA TYR B 151 0.17 7.82 -27.38
C TYR B 151 1.08 6.68 -27.82
N LEU B 152 2.32 6.72 -27.36
CA LEU B 152 3.29 5.67 -27.66
C LEU B 152 2.99 4.45 -26.80
N SER B 153 2.67 3.34 -27.45
CA SER B 153 2.27 2.12 -26.73
C SER B 153 3.38 1.10 -26.63
N CYS B 154 4.33 1.09 -27.56
CA CYS B 154 5.43 0.14 -27.50
C CYS B 154 6.54 0.61 -28.42
N CYS B 155 7.79 0.42 -27.96
CA CYS B 155 8.97 0.78 -28.74
C CYS B 155 9.93 -0.40 -28.74
N ARG B 156 10.64 -0.57 -29.86
CA ARG B 156 11.58 -1.66 -30.02
C ARG B 156 12.83 -1.16 -30.73
N PHE B 157 13.99 -1.58 -30.24
CA PHE B 157 15.27 -1.22 -30.84
C PHE B 157 15.57 -2.22 -31.96
N LEU B 158 15.21 -1.86 -33.19
CA LEU B 158 15.48 -2.75 -34.31
C LEU B 158 16.97 -3.02 -34.45
N ASP B 159 17.77 -1.96 -34.50
CA ASP B 159 19.23 -2.08 -34.50
C ASP B 159 19.81 -1.13 -33.46
N ASP B 160 21.14 -0.99 -33.44
CA ASP B 160 21.78 -0.05 -32.53
C ASP B 160 21.62 1.40 -32.98
N ASN B 161 21.18 1.63 -34.22
CA ASN B 161 21.04 2.97 -34.76
C ASN B 161 19.61 3.36 -35.09
N GLN B 162 18.76 2.40 -35.47
CA GLN B 162 17.38 2.67 -35.85
C GLN B 162 16.44 2.05 -34.81
N ILE B 163 15.42 2.81 -34.43
CA ILE B 163 14.42 2.39 -33.45
C ILE B 163 13.05 2.45 -34.09
N VAL B 164 12.26 1.41 -33.92
CA VAL B 164 10.90 1.33 -34.42
C VAL B 164 9.95 1.46 -33.23
N THR B 165 8.99 2.37 -33.34
CA THR B 165 8.05 2.65 -32.27
C THR B 165 6.63 2.56 -32.79
N SER B 166 5.71 2.15 -31.91
CA SER B 166 4.29 2.05 -32.23
C SER B 166 3.54 3.09 -31.42
N SER B 167 2.70 3.88 -32.10
CA SER B 167 1.95 4.96 -31.48
C SER B 167 0.46 4.63 -31.50
N GLY B 168 -0.31 5.48 -30.81
CA GLY B 168 -1.74 5.32 -30.73
C GLY B 168 -2.53 5.95 -31.85
N ASP B 169 -1.86 6.52 -32.86
CA ASP B 169 -2.52 7.18 -33.98
C ASP B 169 -2.64 6.27 -35.19
N THR B 170 -2.57 4.95 -35.01
CA THR B 170 -2.73 3.95 -36.05
C THR B 170 -1.51 3.84 -36.96
N THR B 171 -0.46 4.61 -36.72
CA THR B 171 0.72 4.62 -37.58
C THR B 171 1.95 4.24 -36.77
N CYS B 172 2.79 3.39 -37.36
CA CYS B 172 4.05 2.98 -36.77
C CYS B 172 5.19 3.60 -37.57
N ALA B 173 6.11 4.27 -36.88
CA ALA B 173 7.19 5.00 -37.51
C ALA B 173 8.53 4.43 -37.08
N LEU B 174 9.44 4.28 -38.05
CA LEU B 174 10.80 3.80 -37.81
C LEU B 174 11.72 5.02 -37.76
N TRP B 175 12.27 5.29 -36.59
CA TRP B 175 13.10 6.46 -36.37
C TRP B 175 14.58 6.10 -36.36
N ASP B 176 15.41 7.13 -36.55
CA ASP B 176 16.86 6.98 -36.52
C ASP B 176 17.43 7.99 -35.53
N ILE B 177 18.31 7.52 -34.65
CA ILE B 177 18.86 8.39 -33.62
C ILE B 177 19.76 9.46 -34.24
N GLU B 178 20.52 9.09 -35.28
CA GLU B 178 21.47 10.03 -35.87
C GLU B 178 20.76 11.26 -36.44
N THR B 179 19.64 11.04 -37.14
CA THR B 179 18.90 12.12 -37.76
C THR B 179 17.61 12.48 -37.05
N GLY B 180 17.02 11.56 -36.30
CA GLY B 180 15.82 11.84 -35.53
C GLY B 180 14.61 12.21 -36.38
N GLN B 181 14.37 11.43 -37.44
CA GLN B 181 13.21 11.65 -38.30
C GLN B 181 12.69 10.30 -38.78
N GLN B 182 11.45 10.29 -39.25
CA GLN B 182 10.79 9.07 -39.69
C GLN B 182 11.43 8.62 -40.99
N THR B 183 12.34 7.64 -40.91
CA THR B 183 12.92 7.07 -42.12
C THR B 183 11.85 6.39 -42.96
N THR B 184 10.95 5.64 -42.31
CA THR B 184 9.84 4.98 -42.98
C THR B 184 8.61 5.09 -42.09
N THR B 185 7.47 5.39 -42.71
CA THR B 185 6.20 5.54 -42.00
C THR B 185 5.21 4.53 -42.54
N PHE B 186 4.52 3.82 -41.65
CA PHE B 186 3.55 2.81 -42.00
C PHE B 186 2.18 3.26 -41.52
N THR B 187 1.21 3.30 -42.44
CA THR B 187 -0.15 3.72 -42.14
C THR B 187 -1.17 2.70 -42.65
N GLY B 188 -0.75 1.44 -42.78
CA GLY B 188 -1.64 0.41 -43.30
C GLY B 188 -2.73 -0.02 -42.35
N HIS B 189 -2.54 0.19 -41.05
CA HIS B 189 -3.53 -0.21 -40.07
C HIS B 189 -4.69 0.77 -40.05
N THR B 190 -5.79 0.35 -39.41
CA THR B 190 -6.99 1.17 -39.29
C THR B 190 -7.48 1.25 -37.85
N GLY B 191 -6.62 0.94 -36.88
CA GLY B 191 -7.00 0.97 -35.48
C GLY B 191 -5.82 1.32 -34.60
N ASP B 192 -6.10 1.46 -33.31
CA ASP B 192 -5.08 1.82 -32.33
C ASP B 192 -4.08 0.68 -32.20
N VAL B 193 -2.87 0.88 -32.70
CA VAL B 193 -1.81 -0.12 -32.58
C VAL B 193 -1.26 -0.08 -31.16
N MET B 194 -1.00 -1.26 -30.61
CA MET B 194 -0.67 -1.40 -29.19
C MET B 194 0.75 -1.88 -28.96
N SER B 195 1.16 -2.98 -29.57
CA SER B 195 2.47 -3.55 -29.30
C SER B 195 3.06 -4.11 -30.59
N LEU B 196 4.38 -4.22 -30.61
CA LEU B 196 5.10 -4.83 -31.72
C LEU B 196 6.35 -5.50 -31.19
N SER B 197 6.85 -6.46 -31.96
CA SER B 197 8.01 -7.25 -31.59
C SER B 197 8.99 -7.30 -32.76
N LEU B 198 10.19 -7.78 -32.48
CA LEU B 198 11.28 -7.83 -33.44
C LEU B 198 11.63 -9.27 -33.77
N ALA B 199 11.80 -9.55 -35.07
CA ALA B 199 12.21 -10.87 -35.50
C ALA B 199 13.66 -11.13 -35.11
N PRO B 200 14.07 -12.40 -35.01
CA PRO B 200 15.47 -12.69 -34.66
C PRO B 200 16.47 -12.10 -35.63
N ASP B 201 16.12 -11.97 -36.90
CA ASP B 201 17.01 -11.41 -37.91
C ASP B 201 17.06 -9.89 -37.88
N THR B 202 16.21 -9.25 -37.08
CA THR B 202 16.17 -7.79 -36.99
C THR B 202 15.89 -7.16 -38.35
N ARG B 203 15.01 -7.82 -39.13
CA ARG B 203 14.60 -7.28 -40.42
C ARG B 203 13.11 -7.49 -40.67
N LEU B 204 12.31 -7.67 -39.62
CA LEU B 204 10.90 -7.97 -39.79
C LEU B 204 10.19 -7.72 -38.46
N PHE B 205 9.05 -7.04 -38.51
CA PHE B 205 8.26 -6.80 -37.32
C PHE B 205 6.79 -6.70 -37.70
N VAL B 206 5.93 -7.01 -36.73
CA VAL B 206 4.48 -6.91 -36.91
C VAL B 206 3.88 -6.29 -35.66
N SER B 207 2.70 -5.70 -35.82
CA SER B 207 1.99 -5.06 -34.72
C SER B 207 0.50 -5.36 -34.83
N GLY B 208 -0.18 -5.31 -33.70
CA GLY B 208 -1.61 -5.54 -33.63
C GLY B 208 -2.34 -4.29 -33.18
N ALA B 209 -3.59 -4.16 -33.61
CA ALA B 209 -4.41 -3.00 -33.30
C ALA B 209 -5.77 -3.45 -32.78
N CYS B 210 -6.64 -2.47 -32.51
CA CYS B 210 -7.98 -2.80 -32.02
C CYS B 210 -8.75 -3.65 -33.02
N ASP B 211 -8.68 -3.29 -34.29
CA ASP B 211 -9.38 -4.04 -35.32
C ASP B 211 -8.85 -5.47 -35.39
N ALA B 212 -9.74 -6.41 -35.65
CA ALA B 212 -9.38 -7.83 -35.72
C ALA B 212 -8.71 -8.14 -37.06
N SER B 213 -7.59 -7.47 -37.29
CA SER B 213 -6.82 -7.68 -38.52
C SER B 213 -5.40 -7.17 -38.28
N ALA B 214 -4.43 -8.07 -38.30
CA ALA B 214 -3.03 -7.73 -38.17
C ALA B 214 -2.28 -8.21 -39.40
N LYS B 215 -1.54 -7.31 -40.04
CA LYS B 215 -0.81 -7.62 -41.26
C LYS B 215 0.66 -7.29 -41.10
N LEU B 216 1.51 -8.18 -41.61
CA LEU B 216 2.95 -8.03 -41.46
C LEU B 216 3.47 -6.87 -42.29
N TRP B 217 4.54 -6.25 -41.79
CA TRP B 217 5.26 -5.19 -42.48
C TRP B 217 6.72 -5.58 -42.64
N ASP B 218 7.26 -5.33 -43.83
CA ASP B 218 8.65 -5.66 -44.14
C ASP B 218 9.46 -4.36 -44.21
N VAL B 219 10.60 -4.35 -43.52
CA VAL B 219 11.44 -3.15 -43.50
C VAL B 219 11.98 -2.86 -44.90
N ARG B 220 12.51 -3.89 -45.55
CA ARG B 220 13.09 -3.70 -46.88
C ARG B 220 12.00 -3.37 -47.90
N GLU B 221 10.92 -4.16 -47.93
CA GLU B 221 9.84 -3.90 -48.87
C GLU B 221 9.14 -2.58 -48.57
N GLY B 222 8.90 -2.30 -47.29
CA GLY B 222 8.22 -1.08 -46.89
C GLY B 222 6.72 -1.12 -47.02
N MET B 223 6.14 -2.24 -47.45
CA MET B 223 4.70 -2.36 -47.64
C MET B 223 4.24 -3.69 -47.06
N CYS B 224 2.96 -3.75 -46.73
CA CYS B 224 2.38 -4.97 -46.17
C CYS B 224 2.50 -6.12 -47.16
N ARG B 225 2.80 -7.30 -46.64
CA ARG B 225 2.93 -8.50 -47.45
C ARG B 225 1.92 -9.58 -47.09
N GLN B 226 1.76 -9.88 -45.80
CA GLN B 226 0.83 -10.88 -45.33
C GLN B 226 -0.17 -10.24 -44.37
N THR B 227 -1.43 -10.63 -44.50
CA THR B 227 -2.51 -10.16 -43.64
C THR B 227 -3.07 -11.34 -42.86
N PHE B 228 -3.20 -11.17 -41.55
CA PHE B 228 -3.67 -12.21 -40.65
C PHE B 228 -4.98 -11.77 -40.01
N THR B 229 -5.96 -12.66 -40.01
CA THR B 229 -7.27 -12.38 -39.41
C THR B 229 -7.68 -13.53 -38.49
N GLY B 230 -8.92 -13.48 -38.00
CA GLY B 230 -9.44 -14.52 -37.13
C GLY B 230 -9.75 -14.07 -35.72
N HIS B 231 -9.47 -12.82 -35.36
CA HIS B 231 -9.75 -12.30 -34.04
C HIS B 231 -11.15 -11.67 -34.00
N GLU B 232 -11.60 -11.36 -32.78
CA GLU B 232 -12.86 -10.68 -32.59
C GLU B 232 -12.81 -9.53 -31.59
N SER B 233 -11.67 -9.28 -30.95
CA SER B 233 -11.52 -8.18 -30.00
C SER B 233 -10.17 -7.52 -30.25
N ASP B 234 -9.78 -6.63 -29.34
CA ASP B 234 -8.53 -5.92 -29.48
C ASP B 234 -7.34 -6.85 -29.26
N ILE B 235 -6.19 -6.45 -29.81
CA ILE B 235 -4.95 -7.19 -29.70
C ILE B 235 -3.97 -6.36 -28.88
N ASN B 236 -3.40 -6.97 -27.83
CA ASN B 236 -2.53 -6.26 -26.91
C ASN B 236 -1.13 -6.85 -26.79
N ALA B 237 -0.93 -8.13 -27.11
CA ALA B 237 0.35 -8.79 -26.95
C ALA B 237 0.81 -9.34 -28.30
N ILE B 238 2.04 -9.01 -28.68
CA ILE B 238 2.64 -9.50 -29.92
C ILE B 238 4.09 -9.89 -29.65
N CYS B 239 4.45 -11.11 -30.02
CA CYS B 239 5.83 -11.58 -29.93
C CYS B 239 6.05 -12.67 -30.96
N PHE B 240 7.25 -12.70 -31.54
CA PHE B 240 7.60 -13.71 -32.54
C PHE B 240 8.09 -14.99 -31.90
N PHE B 241 7.73 -16.12 -32.53
CA PHE B 241 8.32 -17.39 -32.19
C PHE B 241 9.83 -17.33 -32.46
N PRO B 242 10.67 -17.85 -31.56
CA PRO B 242 12.12 -17.72 -31.77
C PRO B 242 12.58 -18.18 -33.14
N ASN B 243 11.97 -19.24 -33.69
CA ASN B 243 12.31 -19.65 -35.05
C ASN B 243 12.07 -18.53 -36.05
N GLY B 244 11.16 -17.62 -35.75
CA GLY B 244 10.87 -16.48 -36.60
C GLY B 244 9.85 -16.75 -37.69
N ASN B 245 9.36 -17.98 -37.80
CA ASN B 245 8.37 -18.32 -38.83
C ASN B 245 6.94 -18.20 -38.32
N ALA B 246 6.73 -17.80 -37.08
CA ALA B 246 5.38 -17.66 -36.53
C ALA B 246 5.45 -16.73 -35.33
N PHE B 247 4.27 -16.27 -34.90
CA PHE B 247 4.17 -15.39 -33.74
C PHE B 247 2.86 -15.68 -33.03
N ALA B 248 2.86 -15.45 -31.72
CA ALA B 248 1.70 -15.66 -30.87
C ALA B 248 1.19 -14.34 -30.35
N THR B 249 -0.14 -14.20 -30.28
CA THR B 249 -0.78 -12.98 -29.83
C THR B 249 -1.90 -13.31 -28.86
N GLY B 250 -2.19 -12.37 -27.97
CA GLY B 250 -3.27 -12.53 -27.00
C GLY B 250 -4.26 -11.40 -27.04
N SER B 251 -5.50 -11.71 -27.39
CA SER B 251 -6.55 -10.70 -27.47
C SER B 251 -7.17 -10.50 -26.09
N ASP B 252 -8.28 -9.76 -26.02
CA ASP B 252 -8.95 -9.49 -24.76
C ASP B 252 -10.07 -10.47 -24.45
N ASP B 253 -10.24 -11.51 -25.26
CA ASP B 253 -11.28 -12.52 -25.05
C ASP B 253 -10.71 -13.82 -24.52
N ALA B 254 -9.62 -13.75 -23.76
CA ALA B 254 -9.02 -14.93 -23.13
C ALA B 254 -8.67 -15.99 -24.18
N THR B 255 -8.17 -15.55 -25.33
CA THR B 255 -7.80 -16.44 -26.43
C THR B 255 -6.41 -16.07 -26.93
N CYS B 256 -5.58 -17.09 -27.14
CA CYS B 256 -4.26 -16.93 -27.73
C CYS B 256 -4.22 -17.69 -29.05
N ARG B 257 -3.80 -17.02 -30.11
CA ARG B 257 -3.79 -17.59 -31.45
C ARG B 257 -2.39 -17.56 -32.03
N LEU B 258 -2.03 -18.61 -32.75
CA LEU B 258 -0.72 -18.72 -33.40
C LEU B 258 -0.89 -18.50 -34.89
N PHE B 259 -0.10 -17.59 -35.44
CA PHE B 259 -0.10 -17.29 -36.87
C PHE B 259 1.30 -17.55 -37.44
N ASP B 260 1.35 -18.28 -38.55
CA ASP B 260 2.59 -18.61 -39.22
C ASP B 260 2.61 -17.96 -40.60
N LEU B 261 3.80 -17.95 -41.21
CA LEU B 261 3.99 -17.35 -42.52
C LEU B 261 3.64 -18.29 -43.66
N ARG B 262 3.38 -19.57 -43.38
CA ARG B 262 3.06 -20.56 -44.41
C ARG B 262 1.56 -20.80 -44.51
N ALA B 263 0.94 -21.23 -43.42
CA ALA B 263 -0.50 -21.51 -43.46
C ALA B 263 -1.31 -20.21 -43.58
N ASP B 264 -0.98 -19.22 -42.76
CA ASP B 264 -1.65 -17.91 -42.76
C ASP B 264 -3.14 -18.04 -42.44
N GLN B 265 -3.55 -19.15 -41.82
CA GLN B 265 -4.95 -19.38 -41.48
C GLN B 265 -5.15 -19.64 -40.00
N GLU B 266 -4.20 -19.22 -39.15
CA GLU B 266 -4.27 -19.43 -37.71
C GLU B 266 -4.42 -20.92 -37.39
N LEU B 267 -3.37 -21.66 -37.74
CA LEU B 267 -3.41 -23.11 -37.57
C LEU B 267 -3.57 -23.50 -36.10
N MET B 268 -2.94 -22.76 -35.20
CA MET B 268 -2.95 -23.07 -33.78
C MET B 268 -3.74 -22.01 -33.02
N THR B 269 -4.69 -22.44 -32.21
CA THR B 269 -5.49 -21.56 -31.37
C THR B 269 -5.49 -22.10 -29.94
N TYR B 270 -5.36 -21.20 -28.97
CA TYR B 270 -5.26 -21.56 -27.57
C TYR B 270 -6.41 -20.91 -26.80
N SER B 271 -7.08 -21.69 -25.97
CA SER B 271 -8.17 -21.20 -25.15
C SER B 271 -8.28 -22.07 -23.90
N HIS B 272 -8.93 -21.53 -22.86
CA HIS B 272 -9.12 -22.24 -21.61
C HIS B 272 -10.58 -22.51 -21.27
N ASP B 273 -11.51 -21.72 -21.78
CA ASP B 273 -12.94 -21.92 -21.56
C ASP B 273 -13.33 -21.83 -20.08
N ASN B 274 -12.49 -21.18 -19.27
CA ASN B 274 -12.76 -21.02 -17.85
C ASN B 274 -12.86 -19.56 -17.41
N ILE B 275 -12.18 -18.64 -18.11
CA ILE B 275 -12.20 -17.22 -17.76
C ILE B 275 -12.46 -16.42 -19.03
N ILE B 276 -12.97 -15.21 -18.84
CA ILE B 276 -13.27 -14.29 -19.92
C ILE B 276 -12.40 -13.05 -19.89
N CYS B 277 -11.46 -12.96 -18.94
CA CYS B 277 -10.60 -11.79 -18.85
C CYS B 277 -9.63 -11.76 -20.03
N GLY B 278 -9.12 -10.56 -20.32
CA GLY B 278 -8.26 -10.37 -21.47
C GLY B 278 -6.83 -10.83 -21.23
N ILE B 279 -6.02 -10.65 -22.26
CA ILE B 279 -4.60 -11.00 -22.23
C ILE B 279 -3.80 -9.74 -22.50
N THR B 280 -2.81 -9.47 -21.66
CA THR B 280 -2.02 -8.24 -21.76
C THR B 280 -0.67 -8.45 -22.44
N SER B 281 0.12 -9.41 -21.96
CA SER B 281 1.45 -9.65 -22.48
C SER B 281 1.63 -11.13 -22.79
N VAL B 282 2.31 -11.43 -23.90
CA VAL B 282 2.59 -12.79 -24.31
C VAL B 282 4.03 -12.85 -24.80
N SER B 283 4.72 -13.95 -24.46
CA SER B 283 6.12 -14.14 -24.84
C SER B 283 6.33 -15.60 -25.21
N PHE B 284 7.57 -15.94 -25.51
CA PHE B 284 7.96 -17.28 -25.91
C PHE B 284 9.22 -17.70 -25.16
N SER B 285 9.39 -19.01 -25.01
CA SER B 285 10.60 -19.56 -24.42
C SER B 285 11.74 -19.51 -25.44
N LYS B 286 12.94 -19.92 -25.00
CA LYS B 286 14.08 -19.92 -25.90
C LYS B 286 13.83 -20.85 -27.08
N SER B 287 13.31 -22.04 -26.82
CA SER B 287 12.96 -22.99 -27.87
C SER B 287 11.53 -22.81 -28.39
N GLY B 288 10.72 -22.00 -27.72
CA GLY B 288 9.35 -21.78 -28.13
C GLY B 288 8.37 -22.85 -27.70
N ARG B 289 8.84 -23.91 -27.03
CA ARG B 289 7.93 -24.95 -26.56
C ARG B 289 6.98 -24.41 -25.50
N LEU B 290 7.49 -23.59 -24.59
CA LEU B 290 6.71 -23.07 -23.46
C LEU B 290 6.35 -21.62 -23.74
N LEU B 291 5.08 -21.28 -23.55
CA LEU B 291 4.55 -19.96 -23.82
C LEU B 291 4.03 -19.33 -22.54
N LEU B 292 4.14 -18.01 -22.44
CA LEU B 292 3.65 -17.24 -21.31
C LEU B 292 2.50 -16.35 -21.76
N ALA B 293 1.49 -16.23 -20.91
CA ALA B 293 0.35 -15.37 -21.16
C ALA B 293 0.15 -14.44 -19.97
N GLY B 294 0.01 -13.15 -20.25
CA GLY B 294 -0.17 -12.16 -19.20
C GLY B 294 -1.63 -11.89 -18.90
N TYR B 295 -2.37 -12.92 -18.50
CA TYR B 295 -3.78 -12.77 -18.19
C TYR B 295 -3.97 -11.80 -17.04
N ASP B 296 -5.04 -11.00 -17.11
CA ASP B 296 -5.31 -9.96 -16.13
C ASP B 296 -6.20 -10.45 -14.98
N ASP B 297 -6.12 -11.73 -14.64
CA ASP B 297 -6.86 -12.29 -13.51
C ASP B 297 -5.96 -12.49 -12.30
N PHE B 298 -5.04 -11.55 -12.07
CA PHE B 298 -4.12 -11.51 -10.94
C PHE B 298 -3.05 -12.58 -11.01
N ASN B 299 -2.94 -13.30 -12.14
CA ASN B 299 -1.92 -14.33 -12.28
C ASN B 299 -1.65 -14.55 -13.76
N CYS B 300 -0.51 -15.16 -14.04
CA CYS B 300 -0.10 -15.47 -15.41
C CYS B 300 -0.35 -16.94 -15.70
N ASN B 301 -0.64 -17.24 -16.96
CA ASN B 301 -0.88 -18.60 -17.43
C ASN B 301 0.24 -19.02 -18.37
N VAL B 302 0.84 -20.17 -18.10
CA VAL B 302 1.89 -20.73 -18.94
C VAL B 302 1.31 -21.89 -19.71
N TRP B 303 1.32 -21.79 -21.03
CA TRP B 303 0.74 -22.79 -21.92
C TRP B 303 1.83 -23.37 -22.81
N ASP B 304 1.45 -24.43 -23.53
CA ASP B 304 2.34 -25.10 -24.48
C ASP B 304 2.05 -24.59 -25.88
N ALA B 305 3.12 -24.28 -26.63
CA ALA B 305 2.95 -23.74 -27.96
C ALA B 305 2.22 -24.72 -28.87
N LEU B 306 2.58 -26.00 -28.80
CA LEU B 306 1.97 -27.04 -29.63
C LEU B 306 0.92 -27.85 -28.90
N LYS B 307 1.17 -28.20 -27.64
CA LYS B 307 0.18 -28.97 -26.88
C LYS B 307 -1.10 -28.17 -26.64
N ALA B 308 -0.98 -26.85 -26.47
CA ALA B 308 -2.13 -25.98 -26.24
C ALA B 308 -2.93 -26.43 -25.03
N ASP B 309 -2.22 -26.79 -23.95
CA ASP B 309 -2.84 -27.21 -22.72
C ASP B 309 -2.16 -26.52 -21.54
N ARG B 310 -2.87 -26.45 -20.42
CA ARG B 310 -2.33 -25.82 -19.22
C ARG B 310 -1.03 -26.50 -18.81
N ALA B 311 -0.03 -25.69 -18.45
CA ALA B 311 1.26 -26.18 -18.02
C ALA B 311 1.67 -25.65 -16.65
N GLY B 312 1.32 -24.42 -16.32
CA GLY B 312 1.67 -23.87 -15.03
C GLY B 312 0.89 -22.60 -14.76
N VAL B 313 0.86 -22.22 -13.48
CA VAL B 313 0.17 -21.02 -13.03
C VAL B 313 1.14 -20.21 -12.18
N LEU B 314 1.26 -18.93 -12.46
CA LEU B 314 2.13 -18.01 -11.73
C LEU B 314 1.22 -17.04 -10.97
N ALA B 315 0.84 -17.43 -9.74
CA ALA B 315 -0.04 -16.64 -8.91
C ALA B 315 0.70 -15.82 -7.86
N GLY B 316 1.93 -15.40 -8.19
CA GLY B 316 2.73 -14.61 -7.27
C GLY B 316 2.45 -13.13 -7.27
N HIS B 317 1.51 -12.66 -8.09
CA HIS B 317 1.19 -11.25 -8.21
C HIS B 317 -0.15 -10.96 -7.58
N ASP B 318 -0.24 -9.84 -6.86
CA ASP B 318 -1.46 -9.43 -6.16
C ASP B 318 -2.23 -8.36 -6.92
N ASN B 319 -1.86 -8.10 -8.17
CA ASN B 319 -2.54 -7.10 -8.99
C ASN B 319 -2.51 -7.55 -10.45
N ARG B 320 -3.04 -6.71 -11.33
CA ARG B 320 -3.04 -7.02 -12.74
C ARG B 320 -1.60 -7.11 -13.25
N VAL B 321 -1.35 -8.08 -14.13
CA VAL B 321 -0.03 -8.34 -14.67
C VAL B 321 0.00 -7.89 -16.13
N SER B 322 1.00 -7.08 -16.47
CA SER B 322 1.16 -6.58 -17.82
C SER B 322 2.57 -6.75 -18.37
N CYS B 323 3.48 -7.39 -17.63
CA CYS B 323 4.86 -7.55 -18.02
C CYS B 323 5.28 -9.00 -17.86
N LEU B 324 5.94 -9.54 -18.88
CA LEU B 324 6.53 -10.86 -18.80
C LEU B 324 7.42 -11.07 -20.01
N GLY B 325 8.62 -11.60 -19.77
CA GLY B 325 9.57 -11.81 -20.85
C GLY B 325 10.53 -12.92 -20.49
N VAL B 326 11.02 -13.62 -21.52
CA VAL B 326 11.94 -14.74 -21.35
C VAL B 326 13.30 -14.31 -21.87
N THR B 327 14.34 -14.57 -21.08
CA THR B 327 15.69 -14.23 -21.47
C THR B 327 16.10 -15.04 -22.70
N ASP B 328 17.06 -14.50 -23.45
CA ASP B 328 17.48 -15.15 -24.68
C ASP B 328 18.02 -16.55 -24.39
N ASP B 329 18.79 -16.71 -23.33
CA ASP B 329 19.29 -18.03 -22.94
C ASP B 329 18.26 -18.84 -22.18
N GLY B 330 17.18 -18.22 -21.70
CA GLY B 330 16.15 -18.95 -20.98
C GLY B 330 16.51 -19.32 -19.56
N MET B 331 17.62 -18.79 -19.02
CA MET B 331 18.01 -19.15 -17.66
C MET B 331 16.97 -18.69 -16.65
N ALA B 332 16.45 -17.48 -16.81
CA ALA B 332 15.48 -16.91 -15.88
C ALA B 332 14.41 -16.16 -16.66
N VAL B 333 13.24 -16.06 -16.05
CA VAL B 333 12.09 -15.35 -16.64
C VAL B 333 11.62 -14.31 -15.64
N ALA B 334 11.44 -13.07 -16.12
CA ALA B 334 10.93 -11.98 -15.31
C ALA B 334 9.46 -11.74 -15.61
N THR B 335 8.78 -11.11 -14.65
CA THR B 335 7.35 -10.82 -14.78
C THR B 335 7.01 -9.66 -13.86
N GLY B 336 6.67 -8.51 -14.44
CA GLY B 336 6.22 -7.36 -13.68
C GLY B 336 4.71 -7.27 -13.69
N SER B 337 4.16 -6.58 -12.69
CA SER B 337 2.72 -6.50 -12.52
C SER B 337 2.37 -5.15 -11.91
N TRP B 338 1.06 -4.87 -11.87
CA TRP B 338 0.56 -3.62 -11.31
C TRP B 338 0.74 -3.55 -9.80
N ASP B 339 1.12 -4.64 -9.15
CA ASP B 339 1.34 -4.66 -7.71
C ASP B 339 2.60 -3.91 -7.29
N SER B 340 3.27 -3.22 -8.21
CA SER B 340 4.47 -2.44 -7.92
C SER B 340 5.65 -3.32 -7.54
N PHE B 341 5.59 -4.61 -7.84
CA PHE B 341 6.67 -5.54 -7.55
C PHE B 341 6.93 -6.41 -8.79
N LEU B 342 8.19 -6.76 -8.98
CA LEU B 342 8.63 -7.62 -10.06
C LEU B 342 9.32 -8.84 -9.50
N LYS B 343 8.98 -10.02 -10.04
CA LYS B 343 9.53 -11.28 -9.57
C LYS B 343 10.14 -12.04 -10.75
N ILE B 344 11.22 -12.77 -10.46
CA ILE B 344 11.95 -13.52 -11.47
C ILE B 344 11.70 -15.00 -11.24
N TRP B 345 11.32 -15.71 -12.29
CA TRP B 345 11.07 -17.15 -12.23
C TRP B 345 12.23 -17.88 -12.90
N ASN B 346 12.78 -18.87 -12.21
CA ASN B 346 13.90 -19.65 -12.74
C ASN B 346 13.39 -20.76 -13.65
N LYS C 29 2.83 -25.41 -47.10
CA LYS C 29 1.74 -26.26 -46.64
C LYS C 29 1.60 -26.17 -45.13
N VAL C 30 0.36 -26.30 -44.64
CA VAL C 30 0.12 -26.23 -43.20
C VAL C 30 0.82 -27.38 -42.49
N SER C 31 0.69 -28.59 -43.04
CA SER C 31 1.35 -29.75 -42.41
C SER C 31 2.86 -29.58 -42.42
N LYS C 32 3.42 -29.11 -43.54
CA LYS C 32 4.87 -28.91 -43.61
C LYS C 32 5.32 -27.87 -42.60
N ALA C 33 4.57 -26.76 -42.47
CA ALA C 33 4.93 -25.73 -41.51
C ALA C 33 4.88 -26.27 -40.08
N ALA C 34 3.83 -27.04 -39.77
CA ALA C 34 3.73 -27.62 -38.43
C ALA C 34 4.88 -28.57 -38.15
N ALA C 35 5.23 -29.40 -39.14
CA ALA C 35 6.34 -30.34 -38.96
C ALA C 35 7.66 -29.58 -38.74
N ASP C 36 7.88 -28.53 -39.52
CA ASP C 36 9.10 -27.75 -39.34
C ASP C 36 9.14 -27.09 -37.97
N LEU C 37 8.00 -26.56 -37.52
CA LEU C 37 7.95 -25.94 -36.19
C LEU C 37 8.24 -26.96 -35.10
N MET C 38 7.67 -28.17 -35.22
CA MET C 38 7.92 -29.21 -34.23
C MET C 38 9.39 -29.62 -34.25
N ALA C 39 9.97 -29.74 -35.44
CA ALA C 39 11.39 -30.10 -35.53
C ALA C 39 12.26 -29.04 -34.86
N TYR C 40 11.96 -27.76 -35.11
CA TYR C 40 12.72 -26.69 -34.47
C TYR C 40 12.54 -26.74 -32.96
N CYS C 41 11.33 -26.98 -32.48
CA CYS C 41 11.08 -27.03 -31.05
C CYS C 41 11.87 -28.15 -30.39
N GLU C 42 11.88 -29.34 -31.01
CA GLU C 42 12.56 -30.47 -30.41
C GLU C 42 14.07 -30.35 -30.54
N ALA C 43 14.56 -29.68 -31.60
CA ALA C 43 16.00 -29.52 -31.76
C ALA C 43 16.61 -28.72 -30.62
N HIS C 44 15.95 -27.64 -30.21
CA HIS C 44 16.43 -26.78 -29.14
C HIS C 44 15.75 -27.07 -27.80
N ALA C 45 14.97 -28.16 -27.72
CA ALA C 45 14.31 -28.48 -26.47
C ALA C 45 15.32 -28.78 -25.36
N LYS C 46 16.37 -29.53 -25.68
CA LYS C 46 17.39 -29.84 -24.69
C LYS C 46 18.16 -28.61 -24.25
N GLU C 47 18.19 -27.56 -25.06
CA GLU C 47 18.91 -26.34 -24.73
C GLU C 47 18.07 -25.30 -24.01
N ASP C 48 16.81 -25.63 -23.69
CA ASP C 48 15.93 -24.70 -23.00
C ASP C 48 15.96 -24.99 -21.50
N PRO C 49 16.52 -24.10 -20.68
CA PRO C 49 16.55 -24.38 -19.23
C PRO C 49 15.17 -24.57 -18.63
N LEU C 50 14.17 -23.84 -19.10
CA LEU C 50 12.83 -23.95 -18.53
C LEU C 50 12.24 -25.35 -18.75
N LEU C 51 12.44 -25.91 -19.95
CA LEU C 51 11.78 -27.16 -20.29
C LEU C 51 12.23 -28.30 -19.38
N THR C 52 13.54 -28.41 -19.13
CA THR C 52 14.08 -29.49 -18.34
C THR C 52 14.74 -28.96 -17.07
N PRO C 53 14.66 -29.69 -15.96
CA PRO C 53 15.33 -29.24 -14.74
C PRO C 53 16.83 -29.09 -14.95
N VAL C 54 17.41 -28.08 -14.31
CA VAL C 54 18.84 -27.80 -14.42
C VAL C 54 19.40 -27.64 -13.01
N PRO C 55 20.69 -27.93 -12.79
CA PRO C 55 21.25 -27.76 -11.45
C PRO C 55 21.14 -26.32 -10.97
N ALA C 56 20.91 -26.16 -9.67
CA ALA C 56 20.80 -24.82 -9.10
C ALA C 56 22.11 -24.07 -9.24
N SER C 57 23.24 -24.75 -9.04
CA SER C 57 24.54 -24.09 -9.18
C SER C 57 24.77 -23.62 -10.61
N GLU C 58 24.36 -24.42 -11.59
CA GLU C 58 24.61 -24.06 -12.98
C GLU C 58 23.92 -22.76 -13.35
N ASN C 59 22.60 -22.66 -13.07
CA ASN C 59 21.87 -21.45 -13.41
C ASN C 59 22.01 -20.40 -12.31
N PRO C 60 21.87 -19.11 -12.64
CA PRO C 60 21.95 -18.08 -11.59
C PRO C 60 20.83 -18.18 -10.56
N PHE C 61 19.74 -18.87 -10.88
CA PHE C 61 18.58 -19.00 -9.99
C PHE C 61 18.27 -17.69 -9.28
N PCA D 1 6.36 -1.46 41.53
CA PCA D 1 6.12 -1.47 40.05
CB PCA D 1 7.45 -1.56 39.29
CG PCA D 1 8.52 -1.83 40.33
CD PCA D 1 7.80 -1.69 41.64
OE PCA D 1 8.41 -1.75 42.72
C PCA D 1 5.22 -2.63 39.65
O PCA D 1 5.39 -3.74 40.14
H PCA D 1 6.71 -0.68 41.76
HA PCA D 1 5.69 -0.63 39.79
HB2 PCA D 1 7.40 -2.27 38.63
HB3 PCA D 1 7.63 -0.71 38.85
HG2 PCA D 1 8.91 -2.72 40.20
HG3 PCA D 1 9.24 -1.15 40.26
N HIS D 2 4.27 -2.37 38.76
CA HIS D 2 3.22 -3.33 38.44
C HIS D 2 2.61 -3.78 39.77
N HIS D 3 1.97 -2.83 40.46
CA HIS D 3 1.64 -3.03 41.87
C HIS D 3 0.68 -4.18 42.09
N GLY D 4 -0.08 -4.58 41.07
CA GLY D 4 -1.13 -5.56 41.27
C GLY D 4 -0.61 -6.89 41.77
N VAL D 5 0.44 -7.41 41.15
CA VAL D 5 0.95 -8.74 41.48
C VAL D 5 1.98 -8.59 42.60
N THR D 6 1.64 -9.06 43.79
CA THR D 6 2.54 -8.94 44.92
C THR D 6 2.20 -9.99 45.95
N LYS D 7 3.18 -10.31 46.79
CA LYS D 7 2.93 -11.12 47.98
C LYS D 7 2.72 -10.21 49.19
N CYS D 8 1.70 -9.36 49.07
CA CYS D 8 1.33 -8.41 50.11
C CYS D 8 0.29 -9.06 51.01
N ASN D 9 0.66 -9.28 52.27
CA ASN D 9 -0.22 -9.92 53.23
C ASN D 9 -0.43 -9.12 54.51
N ILE D 10 0.53 -8.29 54.90
CA ILE D 10 0.34 -7.32 55.98
C ILE D 10 0.80 -5.96 55.49
N THR D 11 0.01 -4.92 55.78
CA THR D 11 0.38 -3.55 55.50
C THR D 11 0.17 -2.72 56.76
N CYS D 12 1.05 -1.75 56.97
CA CYS D 12 1.03 -0.97 58.20
C CYS D 12 1.48 0.46 57.89
N SER D 13 0.52 1.38 57.87
CA SER D 13 0.80 2.80 57.68
C SER D 13 0.16 3.61 58.79
N LYS D 14 -0.94 3.09 59.35
CA LYS D 14 -1.64 3.79 60.41
C LYS D 14 -0.76 3.96 61.65
N MET D 15 -0.17 2.86 62.11
CA MET D 15 0.62 2.86 63.34
C MET D 15 2.01 2.31 63.03
N THR D 16 3.04 3.11 63.30
CA THR D 16 4.43 2.69 63.14
C THR D 16 5.19 2.70 64.46
N SER D 17 5.12 3.80 65.21
CA SER D 17 5.85 3.92 66.47
C SER D 17 5.02 3.32 67.61
N LYS D 18 5.67 2.51 68.44
CA LYS D 18 5.03 1.90 69.59
C LYS D 18 5.98 1.96 70.78
N ILE D 19 5.41 2.09 71.97
CA ILE D 19 6.24 2.15 73.18
C ILE D 19 6.82 0.77 73.47
N PRO D 20 8.09 0.66 73.85
CA PRO D 20 8.66 -0.67 74.15
C PRO D 20 8.00 -1.29 75.36
N VAL D 21 7.34 -2.43 75.17
CA VAL D 21 6.65 -3.14 76.24
C VAL D 21 6.95 -4.62 76.12
N ALA D 22 6.70 -5.35 77.21
CA ALA D 22 6.91 -6.78 77.24
C ALA D 22 5.90 -7.54 76.39
N LEU D 23 4.83 -6.88 75.93
CA LEU D 23 3.83 -7.57 75.12
C LEU D 23 4.41 -8.07 73.80
N LEU D 24 5.51 -7.50 73.34
CA LEU D 24 6.13 -7.95 72.09
C LEU D 24 6.47 -9.43 72.19
N ILE D 25 6.13 -10.19 71.14
CA ILE D 25 6.37 -11.62 71.12
C ILE D 25 7.28 -11.97 69.95
N HIS D 26 7.24 -11.15 68.89
CA HIS D 26 8.06 -11.37 67.71
C HIS D 26 7.86 -10.20 66.76
N TYR D 27 8.65 -10.20 65.69
CA TYR D 27 8.58 -9.16 64.66
C TYR D 27 8.58 -9.85 63.30
N GLN D 28 7.47 -9.73 62.57
CA GLN D 28 7.36 -10.34 61.26
C GLN D 28 8.12 -9.50 60.23
N GLN D 29 8.69 -10.20 59.24
CA GLN D 29 9.43 -9.54 58.17
C GLN D 29 8.48 -9.23 57.02
N ASN D 30 7.76 -8.12 57.16
CA ASN D 30 6.86 -7.67 56.10
C ASN D 30 7.63 -7.12 54.91
N GLN D 31 8.91 -6.79 55.09
CA GLN D 31 9.71 -6.29 53.97
C GLN D 31 9.84 -7.33 52.87
N ALA D 32 10.09 -8.58 53.23
CA ALA D 32 10.20 -9.64 52.24
C ALA D 32 8.89 -9.83 51.50
N SER D 33 7.77 -9.84 52.23
CA SER D 33 6.47 -10.00 51.59
C SER D 33 6.22 -8.86 50.62
N CYS D 34 6.33 -7.62 51.09
CA CYS D 34 6.27 -6.45 50.22
C CYS D 34 7.08 -5.34 50.87
N CYS D 35 8.20 -4.98 50.25
CA CYS D 35 9.05 -3.92 50.76
C CYS D 35 8.43 -2.53 50.63
N LYS D 36 7.19 -2.42 50.17
CA LYS D 36 6.48 -1.15 50.29
C LYS D 36 6.25 -0.80 51.75
N ARG D 37 6.15 -1.82 52.61
CA ARG D 37 6.05 -1.65 54.05
C ARG D 37 7.32 -2.19 54.72
N ALA D 38 7.69 -1.57 55.83
CA ALA D 38 8.92 -1.92 56.52
C ALA D 38 8.65 -3.07 57.50
N ILE D 39 9.63 -3.37 58.37
CA ILE D 39 9.48 -4.46 59.32
C ILE D 39 8.36 -4.14 60.29
N ILE D 40 7.43 -5.08 60.45
CA ILE D 40 6.30 -4.90 61.33
C ILE D 40 6.62 -5.53 62.69
N LEU D 41 5.87 -5.10 63.71
CA LEU D 41 6.02 -5.61 65.07
C LEU D 41 4.77 -6.38 65.46
N GLU D 42 4.97 -7.50 66.14
CA GLU D 42 3.89 -8.39 66.55
C GLU D 42 3.79 -8.41 68.07
N THR D 43 2.58 -8.23 68.59
CA THR D 43 2.33 -8.23 70.02
C THR D 43 1.91 -9.62 70.48
N ARG D 44 1.59 -9.75 71.77
CA ARG D 44 1.19 -11.01 72.37
C ARG D 44 -0.32 -11.14 72.53
N GLN D 45 -1.09 -10.27 71.90
CA GLN D 45 -2.54 -10.29 72.01
C GLN D 45 -3.19 -11.34 71.10
N HIS D 46 -2.41 -12.25 70.53
CA HIS D 46 -2.93 -13.31 69.66
C HIS D 46 -3.61 -12.73 68.42
N ARG D 47 -3.15 -11.58 67.96
CA ARG D 47 -3.70 -10.96 66.77
C ARG D 47 -2.61 -10.16 66.07
N LEU D 48 -2.81 -9.93 64.77
CA LEU D 48 -1.84 -9.22 63.94
C LEU D 48 -2.02 -7.72 64.12
N PHE D 49 -1.22 -7.13 64.99
CA PHE D 49 -1.23 -5.69 65.24
C PHE D 49 0.06 -5.06 64.73
N CYS D 50 0.07 -3.72 64.73
CA CYS D 50 1.25 -2.96 64.37
C CYS D 50 1.02 -1.47 64.61
N GLU D 55 10.73 0.74 64.77
CA GLU D 55 11.48 1.96 64.98
C GLU D 55 12.88 1.65 65.52
N GLN D 56 13.70 2.69 65.66
CA GLN D 56 15.07 2.49 66.14
C GLN D 56 15.10 2.13 67.62
N TRP D 57 14.31 2.84 68.44
CA TRP D 57 14.35 2.59 69.88
C TRP D 57 13.73 1.25 70.24
N VAL D 58 12.73 0.80 69.46
CA VAL D 58 12.12 -0.51 69.72
C VAL D 58 12.97 -1.65 69.18
N LYS D 59 13.83 -1.39 68.20
CA LYS D 59 14.62 -2.47 67.59
C LYS D 59 15.54 -3.12 68.61
N ASP D 60 16.23 -2.32 69.42
CA ASP D 60 17.15 -2.88 70.40
C ASP D 60 16.41 -3.72 71.44
N ALA D 61 15.25 -3.23 71.90
CA ALA D 61 14.48 -3.99 72.89
C ALA D 61 14.02 -5.33 72.34
N MET D 62 13.58 -5.35 71.08
CA MET D 62 13.10 -6.60 70.49
C MET D 62 14.18 -7.65 70.47
N GLN D 63 15.40 -7.27 70.10
CA GLN D 63 16.51 -8.23 70.09
C GLN D 63 16.80 -8.75 71.49
N HIS D 64 16.79 -7.87 72.49
CA HIS D 64 17.09 -8.29 73.85
C HIS D 64 16.06 -9.29 74.35
N LEU D 65 14.77 -8.99 74.14
CA LEU D 65 13.72 -9.93 74.56
C LEU D 65 13.81 -11.23 73.78
N ASP D 66 14.06 -11.15 72.48
CA ASP D 66 14.15 -12.34 71.64
C ASP D 66 15.46 -13.07 71.91
N TYR D 124 -4.24 -5.69 57.78
CA TYR D 124 -3.52 -6.72 57.03
C TYR D 124 -4.22 -7.01 55.70
N ILE D 125 -3.43 -7.38 54.69
CA ILE D 125 -3.99 -7.68 53.38
C ILE D 125 -4.92 -8.89 53.47
N GLY D 126 -4.51 -9.93 54.19
CA GLY D 126 -5.33 -11.11 54.35
C GLY D 126 -5.06 -12.15 53.28
N ASP D 127 -5.80 -13.25 53.39
CA ASP D 127 -5.68 -14.37 52.46
C ASP D 127 -6.63 -14.27 51.27
N ILE D 128 -7.42 -13.20 51.19
CA ILE D 128 -8.34 -13.04 50.06
C ILE D 128 -7.56 -12.95 48.75
N VAL D 129 -6.39 -12.29 48.78
CA VAL D 129 -5.60 -12.16 47.57
C VAL D 129 -5.14 -13.51 47.05
N VAL D 130 -4.83 -14.44 47.96
CA VAL D 130 -4.35 -15.75 47.54
C VAL D 130 -5.41 -16.45 46.69
N PHE D 131 -6.64 -16.49 47.18
CA PHE D 131 -7.72 -17.10 46.41
C PHE D 131 -7.95 -16.36 45.10
N GLY D 132 -7.96 -15.03 45.16
CA GLY D 132 -8.07 -14.25 43.94
C GLY D 132 -6.90 -14.51 42.99
N THR D 133 -5.70 -14.64 43.55
CA THR D 133 -4.53 -14.89 42.70
C THR D 133 -4.66 -16.21 41.96
N VAL D 134 -5.16 -17.25 42.63
CA VAL D 134 -5.31 -18.55 42.00
C VAL D 134 -6.26 -18.44 40.81
N PHE D 135 -7.41 -17.80 41.02
CA PHE D 135 -8.30 -17.50 39.90
C PHE D 135 -7.65 -16.53 38.94
N LEU D 136 -6.91 -15.55 39.47
CA LEU D 136 -6.18 -14.63 38.61
C LEU D 136 -5.17 -15.37 37.74
N SER D 137 -4.56 -16.44 38.26
CA SER D 137 -3.54 -17.16 37.51
C SER D 137 -4.11 -17.73 36.22
N ILE D 138 -5.23 -18.47 36.31
CA ILE D 138 -5.83 -19.03 35.11
C ILE D 138 -6.35 -17.93 34.20
N PHE D 139 -6.75 -16.79 34.77
CA PHE D 139 -7.25 -15.69 33.95
C PHE D 139 -6.19 -15.26 32.92
N TYR D 140 -4.97 -14.97 33.39
CA TYR D 140 -3.89 -14.63 32.46
C TYR D 140 -3.57 -15.79 31.53
N SER D 141 -3.75 -17.02 32.00
CA SER D 141 -3.52 -18.18 31.13
C SER D 141 -4.44 -18.15 29.92
N VAL D 142 -5.74 -17.99 30.14
CA VAL D 142 -6.68 -18.04 29.02
C VAL D 142 -6.51 -16.82 28.12
N ILE D 143 -6.41 -15.62 28.70
CA ILE D 143 -6.31 -14.42 27.88
C ILE D 143 -5.00 -14.44 27.09
N PHE D 144 -3.96 -15.06 27.62
CA PHE D 144 -2.75 -15.25 26.82
C PHE D 144 -3.05 -15.95 25.51
N ALA D 145 -3.71 -17.11 25.56
CA ALA D 145 -3.91 -17.87 24.33
C ALA D 145 -4.64 -17.05 23.28
N ILE D 146 -5.82 -16.53 23.64
CA ILE D 146 -6.64 -15.81 22.68
C ILE D 146 -5.93 -14.53 22.23
N GLY D 147 -5.35 -13.78 23.17
CA GLY D 147 -4.73 -12.52 22.81
C GLY D 147 -3.50 -12.70 21.94
N LEU D 148 -2.67 -13.69 22.26
CA LEU D 148 -1.49 -13.96 21.45
C LEU D 148 -1.88 -14.43 20.05
N VAL D 149 -2.88 -15.31 19.96
CA VAL D 149 -3.33 -15.75 18.64
C VAL D 149 -3.83 -14.57 17.83
N GLY D 150 -4.65 -13.72 18.45
CA GLY D 150 -5.18 -12.57 17.74
C GLY D 150 -4.09 -11.59 17.32
N ASN D 151 -3.14 -11.32 18.20
CA ASN D 151 -2.06 -10.39 17.88
C ASN D 151 -1.16 -10.94 16.78
N LEU D 152 -0.86 -12.24 16.83
CA LEU D 152 -0.05 -12.84 15.76
C LEU D 152 -0.79 -12.78 14.43
N LEU D 153 -2.09 -13.06 14.43
CA LEU D 153 -2.86 -12.97 13.19
C LEU D 153 -2.89 -11.54 12.67
N VAL D 154 -3.05 -10.57 13.57
CA VAL D 154 -3.06 -9.16 13.16
C VAL D 154 -1.72 -8.77 12.58
N VAL D 155 -0.63 -9.18 13.22
CA VAL D 155 0.71 -8.83 12.74
C VAL D 155 0.95 -9.45 11.37
N PHE D 156 0.54 -10.71 11.20
CA PHE D 156 0.70 -11.35 9.90
C PHE D 156 -0.12 -10.63 8.82
N ALA D 157 -1.35 -10.25 9.15
CA ALA D 157 -2.19 -9.54 8.18
C ALA D 157 -1.57 -8.21 7.79
N LEU D 158 -1.08 -7.46 8.78
CA LEU D 158 -0.48 -6.17 8.50
C LEU D 158 0.80 -6.31 7.68
N THR D 159 1.62 -7.32 8.00
CA THR D 159 2.83 -7.55 7.23
C THR D 159 2.50 -7.92 5.79
N ASN D 160 1.50 -8.76 5.59
CA ASN D 160 1.03 -9.13 4.25
C ASN D 160 -0.06 -8.15 3.81
N SER D 161 0.38 -6.92 3.55
CA SER D 161 -0.52 -5.84 3.16
C SER D 161 -0.39 -5.57 1.67
N LYS D 162 -1.54 -5.47 0.99
CA LYS D 162 -1.52 -5.22 -0.44
C LYS D 162 -0.88 -3.86 -0.75
N LYS D 163 -1.20 -2.85 0.05
CA LYS D 163 -0.66 -1.51 -0.16
C LYS D 163 0.45 -1.25 0.84
N PRO D 164 1.72 -1.22 0.42
CA PRO D 164 2.80 -0.96 1.39
C PRO D 164 3.05 0.52 1.59
N LYS D 165 4.05 0.85 2.41
CA LYS D 165 4.42 2.24 2.68
C LYS D 165 3.23 3.04 3.18
N SER D 166 2.41 2.41 4.03
CA SER D 166 1.24 3.06 4.63
C SER D 166 1.57 3.43 6.07
N VAL D 167 1.45 4.72 6.39
CA VAL D 167 1.78 5.18 7.73
C VAL D 167 0.86 4.54 8.76
N THR D 168 -0.45 4.51 8.47
CA THR D 168 -1.40 3.94 9.41
C THR D 168 -1.11 2.46 9.66
N ASP D 169 -0.81 1.72 8.60
CA ASP D 169 -0.50 0.30 8.76
C ASP D 169 0.74 0.10 9.62
N ILE D 170 1.78 0.92 9.38
CA ILE D 170 3.01 0.78 10.16
C ILE D 170 2.74 1.08 11.62
N TYR D 171 1.99 2.14 11.90
CA TYR D 171 1.68 2.47 13.29
C TYR D 171 0.86 1.37 13.94
N LEU D 172 -0.13 0.84 13.21
CA LEU D 172 -0.95 -0.24 13.76
C LEU D 172 -0.10 -1.48 14.05
N LEU D 173 0.84 -1.80 13.17
CA LEU D 173 1.73 -2.92 13.42
C LEU D 173 2.58 -2.68 14.67
N ASN D 174 3.06 -1.45 14.83
CA ASN D 174 3.84 -1.13 16.03
C ASN D 174 2.99 -1.28 17.29
N LEU D 175 1.73 -0.85 17.23
CA LEU D 175 0.84 -1.02 18.38
C LEU D 175 0.63 -2.50 18.67
N ALA D 176 0.50 -3.32 17.62
CA ALA D 176 0.36 -4.75 17.82
C ALA D 176 1.59 -5.35 18.49
N LEU D 177 2.78 -4.90 18.08
CA LEU D 177 4.01 -5.38 18.71
C LEU D 177 4.05 -5.01 20.18
N SER D 178 3.66 -3.78 20.51
CA SER D 178 3.63 -3.37 21.92
C SER D 178 2.65 -4.23 22.70
N ASP D 179 1.48 -4.52 22.11
CA ASP D 179 0.54 -5.43 22.76
C ASP D 179 1.14 -6.82 22.92
N LEU D 180 1.92 -7.26 21.92
CA LEU D 180 2.58 -8.55 22.03
C LEU D 180 3.58 -8.57 23.17
N LEU D 181 4.26 -7.43 23.42
CA LEU D 181 5.14 -7.35 24.56
C LEU D 181 4.38 -7.55 25.87
N PHE D 182 3.20 -6.93 25.98
CA PHE D 182 2.32 -7.17 27.12
C PHE D 182 2.01 -8.66 27.29
N VAL D 183 1.60 -9.30 26.19
CA VAL D 183 1.26 -10.72 26.24
C VAL D 183 2.48 -11.55 26.61
N ALA D 184 3.64 -11.23 26.02
CA ALA D 184 4.84 -12.02 26.29
C ALA D 184 5.31 -11.86 27.72
N THR D 185 5.13 -10.68 28.31
CA THR D 185 5.58 -10.44 29.67
C THR D 185 4.62 -10.98 30.73
N LEU D 186 3.32 -11.09 30.42
CA LEU D 186 2.38 -11.64 31.40
C LEU D 186 2.74 -13.03 31.90
N PRO D 187 3.10 -14.00 31.03
CA PRO D 187 3.33 -15.36 31.54
C PRO D 187 4.41 -15.44 32.59
N PHE D 188 5.40 -14.55 32.52
CA PHE D 188 6.42 -14.51 33.55
C PHE D 188 5.80 -14.19 34.91
N TRP D 189 4.88 -13.23 34.96
CA TRP D 189 4.23 -12.92 36.22
C TRP D 189 3.35 -14.08 36.67
N THR D 190 2.67 -14.75 35.74
CA THR D 190 1.86 -15.91 36.11
C THR D 190 2.73 -17.00 36.72
N HIS D 191 3.89 -17.27 36.11
CA HIS D 191 4.81 -18.28 36.63
C HIS D 191 5.35 -17.87 37.98
N TYR D 192 5.62 -16.57 38.18
CA TYR D 192 6.05 -16.11 39.49
C TYR D 192 4.98 -16.38 40.54
N LEU D 193 3.73 -16.02 40.24
CA LEU D 193 2.66 -16.22 41.23
C LEU D 193 2.46 -17.69 41.55
N ILE D 194 2.45 -18.55 40.54
CA ILE D 194 2.05 -19.94 40.77
C ILE D 194 2.98 -20.61 41.77
N ASN D 195 4.27 -20.28 41.73
CA ASN D 195 5.26 -21.05 42.47
C ASN D 195 6.00 -20.28 43.56
N GLU D 196 6.05 -18.94 43.52
CA GLU D 196 6.82 -18.18 44.49
C GLU D 196 8.30 -18.57 44.47
N LYS D 197 8.83 -18.76 43.26
CA LYS D 197 10.22 -19.18 43.08
C LYS D 197 11.11 -18.12 42.47
N GLY D 198 10.63 -17.37 41.49
CA GLY D 198 11.47 -16.40 40.81
C GLY D 198 12.36 -17.06 39.77
N LEU D 199 13.25 -16.26 39.20
CA LEU D 199 14.16 -16.74 38.17
C LEU D 199 15.46 -15.93 38.23
N HIS D 200 16.48 -16.50 38.87
CA HIS D 200 17.82 -15.94 38.93
C HIS D 200 17.86 -14.55 39.57
N ASN D 201 16.79 -14.13 40.23
CA ASN D 201 16.69 -12.81 40.83
C ASN D 201 16.75 -11.70 39.79
N ALA D 202 16.49 -12.03 38.51
CA ALA D 202 16.49 -11.06 37.44
C ALA D 202 15.32 -11.18 36.48
N MET D 203 14.69 -12.36 36.37
CA MET D 203 13.54 -12.49 35.48
C MET D 203 12.39 -11.59 35.93
N CYS D 204 12.23 -11.43 37.24
CA CYS D 204 11.17 -10.57 37.75
C CYS D 204 11.36 -9.14 37.24
N LYS D 205 12.58 -8.60 37.39
CA LYS D 205 12.85 -7.24 36.94
C LYS D 205 12.72 -7.12 35.42
N PHE D 206 13.22 -8.12 34.69
CA PHE D 206 13.11 -8.08 33.23
C PHE D 206 11.65 -8.06 32.80
N THR D 207 10.82 -8.87 33.45
CA THR D 207 9.40 -8.91 33.13
C THR D 207 8.72 -7.59 33.48
N THR D 208 9.11 -6.97 34.60
CA THR D 208 8.56 -5.66 34.94
C THR D 208 8.92 -4.62 33.89
N ALA D 209 10.18 -4.64 33.43
CA ALA D 209 10.59 -3.70 32.40
C ALA D 209 9.81 -3.92 31.11
N PHE D 210 9.61 -5.18 30.72
CA PHE D 210 8.80 -5.47 29.54
C PHE D 210 7.37 -5.00 29.71
N PHE D 211 6.79 -5.20 30.90
CA PHE D 211 5.43 -4.72 31.15
C PHE D 211 5.33 -3.22 30.92
N PHE D 212 6.21 -2.45 31.57
CA PHE D 212 6.14 -1.00 31.44
C PHE D 212 6.41 -0.57 30.01
N ILE D 213 7.37 -1.22 29.32
CA ILE D 213 7.68 -0.84 27.96
C ILE D 213 6.48 -1.07 27.06
N GLY D 214 5.85 -2.25 27.18
CA GLY D 214 4.69 -2.53 26.35
C GLY D 214 3.54 -1.57 26.62
N PHE D 215 3.24 -1.32 27.89
CA PHE D 215 2.14 -0.43 28.22
C PHE D 215 2.39 0.97 27.70
N PHE D 216 3.58 1.51 27.93
CA PHE D 216 3.87 2.88 27.52
C PHE D 216 3.93 3.00 26.01
N GLY D 217 4.46 1.99 25.32
CA GLY D 217 4.43 2.01 23.86
C GLY D 217 3.01 1.95 23.33
N SER D 218 2.16 1.11 23.93
CA SER D 218 0.78 1.01 23.47
C SER D 218 0.06 2.33 23.64
N ILE D 219 0.23 2.98 24.79
CA ILE D 219 -0.44 4.26 25.00
C ILE D 219 0.12 5.31 24.05
N PHE D 220 1.44 5.33 23.86
CA PHE D 220 2.05 6.31 22.96
C PHE D 220 1.63 6.06 21.51
N PHE D 221 1.64 4.80 21.09
CA PHE D 221 1.28 4.49 19.70
C PHE D 221 -0.16 4.88 19.42
N LEU D 222 -1.07 4.65 20.37
CA LEU D 222 -2.45 5.08 20.20
C LEU D 222 -2.54 6.59 20.03
N THR D 223 -1.81 7.34 20.85
CA THR D 223 -1.90 8.79 20.79
C THR D 223 -1.43 9.34 19.45
N VAL D 224 -0.29 8.83 18.95
CA VAL D 224 0.24 9.34 17.69
C VAL D 224 -0.67 8.96 16.52
N ILE D 225 -1.29 7.79 16.57
CA ILE D 225 -2.29 7.45 15.56
C ILE D 225 -3.43 8.44 15.59
N SER D 226 -3.88 8.83 16.78
CA SER D 226 -4.90 9.87 16.88
C SER D 226 -4.40 11.19 16.30
N ILE D 227 -3.15 11.54 16.59
CA ILE D 227 -2.57 12.75 16.00
C ILE D 227 -2.46 12.58 14.49
N ASP D 228 -2.04 11.40 14.04
CA ASP D 228 -1.94 11.15 12.60
C ASP D 228 -3.30 11.29 11.92
N ARG D 229 -4.35 10.73 12.53
CA ARG D 229 -5.69 10.90 11.97
C ARG D 229 -6.11 12.36 11.99
N TYR D 230 -5.83 13.07 13.08
CA TYR D 230 -6.13 14.49 13.15
C TYR D 230 -5.52 15.23 11.98
N LEU D 231 -4.22 15.06 11.76
CA LEU D 231 -3.57 15.68 10.61
C LEU D 231 -4.28 15.28 9.32
N ALA D 232 -4.27 13.98 9.02
CA ALA D 232 -4.72 13.51 7.71
C ALA D 232 -6.14 13.95 7.40
N ILE D 233 -6.95 14.20 8.44
CA ILE D 233 -8.33 14.63 8.19
C ILE D 233 -8.41 16.14 8.09
N VAL D 234 -8.07 16.86 9.16
CA VAL D 234 -8.37 18.29 9.18
C VAL D 234 -7.34 19.10 8.39
N LEU D 235 -6.06 18.79 8.54
CA LEU D 235 -4.99 19.60 7.95
C LEU D 235 -4.40 18.93 6.71
N ALA D 236 -5.25 18.30 5.91
CA ALA D 236 -4.77 17.56 4.74
C ALA D 236 -4.04 18.47 3.76
N ALA D 237 -4.25 19.79 3.84
CA ALA D 237 -3.57 20.69 2.92
C ALA D 237 -2.05 20.57 3.04
N ASN D 238 -1.54 20.26 4.24
CA ASN D 238 -0.10 20.17 4.47
C ASN D 238 0.34 18.90 5.18
N SER D 239 -0.59 18.05 5.62
CA SER D 239 -0.19 16.81 6.27
C SER D 239 0.54 15.89 5.30
N MET D 240 0.10 15.85 4.04
CA MET D 240 0.79 15.04 3.05
C MET D 240 2.25 15.42 2.94
N ASN D 241 2.54 16.72 2.96
CA ASN D 241 3.91 17.20 2.85
C ASN D 241 4.66 17.02 4.17
N ASN D 242 3.95 17.08 5.31
CA ASN D 242 4.60 16.97 6.60
C ASN D 242 5.04 15.53 6.88
N ARG D 243 4.20 14.55 6.53
CA ARG D 243 4.46 13.15 6.86
C ARG D 243 4.51 12.30 5.61
N THR D 244 5.47 11.38 5.58
CA THR D 244 5.60 10.38 4.53
C THR D 244 5.94 9.05 5.20
N VAL D 245 6.28 8.04 4.40
CA VAL D 245 6.57 6.72 4.96
C VAL D 245 7.82 6.77 5.83
N GLN D 246 8.88 7.42 5.33
CA GLN D 246 10.11 7.52 6.10
C GLN D 246 9.89 8.34 7.37
N HIS D 247 9.13 9.43 7.26
CA HIS D 247 8.84 10.24 8.44
C HIS D 247 8.06 9.44 9.47
N GLY D 248 7.10 8.64 9.02
CA GLY D 248 6.36 7.80 9.93
C GLY D 248 7.24 6.78 10.62
N VAL D 249 8.16 6.16 9.88
CA VAL D 249 9.08 5.21 10.48
C VAL D 249 9.95 5.90 11.53
N THR D 250 10.44 7.09 11.21
CA THR D 250 11.28 7.84 12.16
C THR D 250 10.49 8.19 13.40
N ILE D 251 9.23 8.62 13.24
CA ILE D 251 8.41 8.97 14.40
C ILE D 251 8.12 7.73 15.24
N SER D 252 7.92 6.58 14.59
CA SER D 252 7.71 5.35 15.34
C SER D 252 8.95 4.98 16.14
N LEU D 253 10.13 5.12 15.55
CA LEU D 253 11.36 4.85 16.28
C LEU D 253 11.52 5.81 17.45
N GLY D 254 11.17 7.08 17.25
CA GLY D 254 11.23 8.04 18.34
C GLY D 254 10.27 7.71 19.47
N VAL D 255 9.05 7.28 19.11
CA VAL D 255 8.08 6.86 20.11
C VAL D 255 8.60 5.67 20.90
N TRP D 256 9.22 4.71 20.21
CA TRP D 256 9.84 3.59 20.91
C TRP D 256 10.91 4.10 21.87
N ALA D 257 11.76 5.02 21.41
CA ALA D 257 12.79 5.59 22.28
C ALA D 257 12.17 6.33 23.45
N ALA D 258 11.11 7.10 23.19
CA ALA D 258 10.44 7.80 24.29
C ALA D 258 9.86 6.82 25.30
N ALA D 259 9.31 5.71 24.82
CA ALA D 259 8.81 4.68 25.73
C ALA D 259 9.93 4.13 26.59
N ILE D 260 11.10 3.88 25.98
CA ILE D 260 12.23 3.38 26.76
C ILE D 260 12.62 4.39 27.84
N LEU D 261 12.71 5.67 27.47
CA LEU D 261 13.14 6.68 28.42
C LEU D 261 12.16 6.84 29.57
N VAL D 262 10.86 6.94 29.26
CA VAL D 262 9.87 7.17 30.30
C VAL D 262 9.72 5.95 31.20
N ALA D 263 9.86 4.75 30.64
CA ALA D 263 9.75 3.53 31.44
C ALA D 263 11.01 3.20 32.22
N ALA D 264 12.13 3.84 31.88
CA ALA D 264 13.38 3.56 32.59
C ALA D 264 13.28 3.85 34.08
N PRO D 265 12.87 5.05 34.53
CA PRO D 265 12.78 5.29 35.98
C PRO D 265 11.79 4.37 36.68
N GLN D 266 10.71 3.98 36.01
CA GLN D 266 9.76 3.07 36.64
C GLN D 266 10.40 1.73 36.95
N PHE D 267 11.22 1.21 36.02
CA PHE D 267 11.94 -0.05 36.21
C PHE D 267 13.43 0.15 36.41
N MET D 268 13.89 1.40 36.61
CA MET D 268 15.31 1.64 36.79
C MET D 268 15.85 0.95 38.03
N PHE D 269 15.11 1.04 39.14
CA PHE D 269 15.50 0.42 40.41
C PHE D 269 14.42 -0.60 40.77
N THR D 270 14.59 -1.83 40.27
CA THR D 270 13.68 -2.93 40.56
C THR D 270 14.54 -4.20 40.72
N LYS D 271 14.95 -4.47 41.96
CA LYS D 271 15.76 -5.63 42.28
C LYS D 271 14.83 -6.79 42.62
N GLN D 272 14.84 -7.83 41.81
CA GLN D 272 13.97 -8.98 42.03
C GLN D 272 14.10 -9.49 43.45
N LYS D 273 13.01 -9.40 44.20
CA LYS D 273 13.00 -9.87 45.57
C LYS D 273 12.85 -11.40 45.59
N GLU D 274 12.96 -11.97 46.80
CA GLU D 274 12.83 -13.41 46.95
C GLU D 274 11.67 -13.97 46.12
N ASN D 275 10.51 -13.31 46.17
CA ASN D 275 9.35 -13.77 45.42
C ASN D 275 8.59 -12.62 44.77
N GLU D 276 9.25 -11.48 44.53
CA GLU D 276 8.59 -10.35 43.90
C GLU D 276 9.65 -9.46 43.26
N CYS D 277 9.23 -8.29 42.77
CA CYS D 277 10.11 -7.26 42.23
C CYS D 277 10.10 -6.08 43.20
N CYS D 278 11.00 -6.13 44.18
CA CYS D 278 11.13 -5.01 45.10
C CYS D 278 12.04 -3.95 44.46
N GLY D 279 12.31 -2.88 45.20
CA GLY D 279 13.06 -1.76 44.66
C GLY D 279 14.19 -1.33 45.57
N ASP D 280 15.33 -1.03 44.96
CA ASP D 280 16.49 -0.58 45.73
C ASP D 280 16.20 0.72 46.46
N TYR D 281 15.61 1.70 45.76
CA TYR D 281 15.23 2.97 46.35
C TYR D 281 16.33 3.54 47.23
N PRO D 282 17.42 4.05 46.65
CA PRO D 282 18.45 4.70 47.48
C PRO D 282 17.84 5.74 48.42
N GLU D 283 18.52 6.00 49.53
CA GLU D 283 17.92 6.82 50.58
C GLU D 283 17.34 8.11 50.05
N VAL D 284 18.04 8.76 49.11
CA VAL D 284 17.55 10.03 48.57
C VAL D 284 16.21 9.85 47.88
N LEU D 285 16.08 8.80 47.06
CA LEU D 285 14.92 8.61 46.20
C LEU D 285 13.88 7.66 46.81
N GLN D 286 14.06 7.24 48.06
CA GLN D 286 13.16 6.26 48.65
C GLN D 286 11.70 6.68 48.49
N GLU D 287 11.40 7.97 48.67
CA GLU D 287 10.04 8.47 48.54
C GLU D 287 9.73 8.98 47.15
N ILE D 288 10.74 9.45 46.41
CA ILE D 288 10.50 9.99 45.08
C ILE D 288 10.13 8.87 44.11
N TRP D 289 10.84 7.75 44.16
CA TRP D 289 10.63 6.68 43.19
C TRP D 289 9.18 6.19 43.18
N PRO D 290 8.56 5.85 44.32
CA PRO D 290 7.14 5.46 44.27
C PRO D 290 6.24 6.56 43.73
N VAL D 291 6.33 7.76 44.30
CA VAL D 291 5.44 8.84 43.88
C VAL D 291 5.75 9.26 42.45
N LEU D 292 7.03 9.27 42.07
CA LEU D 292 7.38 9.60 40.69
C LEU D 292 6.80 8.58 39.72
N ARG D 293 6.91 7.30 40.06
CA ARG D 293 6.33 6.26 39.21
C ARG D 293 4.82 6.42 39.09
N ASN D 294 4.15 6.70 40.21
CA ASN D 294 2.69 6.79 40.19
C ASN D 294 2.23 8.01 39.40
N VAL D 295 2.87 9.17 39.60
CA VAL D 295 2.47 10.37 38.88
C VAL D 295 2.77 10.24 37.41
N GLU D 296 3.93 9.65 37.07
CA GLU D 296 4.30 9.50 35.67
C GLU D 296 3.31 8.59 34.94
N THR D 297 3.02 7.42 35.51
CA THR D 297 2.09 6.49 34.86
C THR D 297 0.67 7.04 34.82
N ASN D 298 0.35 8.06 35.61
CA ASN D 298 -0.97 8.67 35.59
C ASN D 298 -1.04 9.83 34.61
N PHE D 299 -0.17 10.83 34.78
CA PHE D 299 -0.19 12.00 33.92
C PHE D 299 0.07 11.62 32.47
N LEU D 300 1.16 10.89 32.23
CA LEU D 300 1.52 10.48 30.87
C LEU D 300 0.85 9.18 30.45
N GLY D 301 0.08 8.55 31.33
CA GLY D 301 -0.56 7.29 31.00
C GLY D 301 -1.99 7.43 30.52
N PHE D 302 -2.79 8.22 31.24
CA PHE D 302 -4.21 8.32 30.97
C PHE D 302 -4.68 9.76 30.83
N LEU D 303 -4.04 10.68 31.56
CA LEU D 303 -4.53 12.06 31.60
C LEU D 303 -4.19 12.80 30.31
N LEU D 304 -2.90 12.98 30.04
CA LEU D 304 -2.49 13.69 28.83
C LEU D 304 -2.96 12.99 27.56
N PRO D 305 -2.84 11.66 27.43
CA PRO D 305 -3.40 11.02 26.22
C PRO D 305 -4.89 11.31 26.03
N LEU D 306 -5.64 11.38 27.12
CA LEU D 306 -7.06 11.70 27.00
C LEU D 306 -7.27 13.07 26.39
N LEU D 307 -6.49 14.07 26.85
CA LEU D 307 -6.60 15.40 26.30
C LEU D 307 -6.21 15.44 24.83
N ILE D 308 -5.11 14.77 24.47
CA ILE D 308 -4.66 14.76 23.09
C ILE D 308 -5.68 14.05 22.21
N MET D 309 -6.17 12.89 22.66
CA MET D 309 -7.21 12.21 21.89
C MET D 309 -8.52 13.00 21.91
N SER D 310 -8.84 13.64 23.04
CA SER D 310 -10.03 14.49 23.09
C SER D 310 -9.92 15.63 22.09
N TYR D 311 -8.76 16.29 22.04
CA TYR D 311 -8.56 17.35 21.07
C TYR D 311 -8.69 16.83 19.64
N CYS D 312 -7.97 15.75 19.33
CA CYS D 312 -7.96 15.23 17.97
C CYS D 312 -9.35 14.81 17.53
N TYR D 313 -9.93 13.80 18.18
CA TYR D 313 -11.18 13.22 17.71
C TYR D 313 -12.27 14.27 17.58
N PHE D 314 -12.25 15.29 18.44
CA PHE D 314 -13.18 16.39 18.30
C PHE D 314 -13.01 17.10 16.96
N ARG D 315 -11.76 17.31 16.54
CA ARG D 315 -11.51 18.02 15.29
C ARG D 315 -11.88 17.18 14.08
N ILE D 316 -11.59 15.88 14.11
CA ILE D 316 -12.01 15.01 13.01
C ILE D 316 -13.52 15.02 12.87
N ILE D 317 -14.24 14.93 14.00
CA ILE D 317 -15.69 14.95 13.95
C ILE D 317 -16.19 16.27 13.38
N GLN D 318 -15.60 17.39 13.80
CA GLN D 318 -16.00 18.67 13.25
C GLN D 318 -15.73 18.75 11.76
N THR D 319 -14.57 18.27 11.32
CA THR D 319 -14.25 18.30 9.90
C THR D 319 -15.21 17.41 9.11
N LEU D 320 -15.53 16.23 9.64
CA LEU D 320 -16.47 15.34 8.95
C LEU D 320 -17.85 15.99 8.84
N PHE D 321 -18.32 16.60 9.92
CA PHE D 321 -19.62 17.28 9.87
C PHE D 321 -19.60 18.43 8.88
N SER D 322 -18.52 19.22 8.88
CA SER D 322 -18.43 20.34 7.95
C SER D 322 -18.42 19.85 6.51
N SER D 323 -17.69 18.76 6.23
CA SER D 323 -17.61 18.19 4.89
C SER D 323 -18.74 17.23 4.59
N LYS D 324 -19.65 16.99 5.54
CA LYS D 324 -20.77 16.07 5.34
C LYS D 324 -20.28 14.65 5.10
N ASN D 325 -19.14 14.29 5.67
CA ASN D 325 -18.55 12.98 5.51
C ASN D 325 -18.85 12.05 6.69
N HIS D 326 -19.73 12.47 7.60
CA HIS D 326 -20.06 11.63 8.75
C HIS D 326 -20.61 10.28 8.31
N LYS D 327 -21.31 10.23 7.18
CA LYS D 327 -21.82 8.96 6.68
C LYS D 327 -20.69 7.99 6.35
N LYS D 328 -19.62 8.51 5.75
CA LYS D 328 -18.45 7.71 5.37
C LYS D 328 -17.39 7.70 6.47
N ALA D 329 -17.79 7.84 7.74
CA ALA D 329 -16.87 7.96 8.85
C ALA D 329 -16.77 6.68 9.67
N LYS D 330 -16.87 5.51 9.03
CA LYS D 330 -16.70 4.26 9.78
C LYS D 330 -15.26 4.06 10.23
N ALA D 331 -14.30 4.43 9.38
CA ALA D 331 -12.90 4.21 9.71
C ALA D 331 -12.50 4.95 10.97
N ILE D 332 -12.89 6.22 11.09
CA ILE D 332 -12.58 6.98 12.30
C ILE D 332 -13.34 6.41 13.49
N LYS D 333 -14.57 5.93 13.28
CA LYS D 333 -15.35 5.37 14.38
C LYS D 333 -14.69 4.12 14.95
N LEU D 334 -14.15 3.25 14.09
CA LEU D 334 -13.54 2.02 14.58
C LEU D 334 -12.43 2.32 15.57
N ILE D 335 -11.57 3.28 15.23
CA ILE D 335 -10.52 3.68 16.16
C ILE D 335 -11.12 4.35 17.39
N LEU D 336 -12.20 5.12 17.20
CA LEU D 336 -12.84 5.78 18.33
C LEU D 336 -13.38 4.77 19.34
N LEU D 337 -14.04 3.71 18.85
CA LEU D 337 -14.50 2.66 19.75
C LEU D 337 -13.32 1.97 20.43
N VAL D 338 -12.25 1.72 19.69
CA VAL D 338 -11.05 1.15 20.29
C VAL D 338 -10.46 2.12 21.30
N VAL D 339 -10.51 3.42 21.00
CA VAL D 339 -9.94 4.41 21.91
C VAL D 339 -10.79 4.55 23.16
N ILE D 340 -12.11 4.59 23.02
CA ILE D 340 -12.97 4.80 24.18
C ILE D 340 -12.89 3.62 25.14
N VAL D 341 -12.89 2.39 24.60
CA VAL D 341 -12.77 1.22 25.47
C VAL D 341 -11.42 1.22 26.15
N PHE D 342 -10.38 1.74 25.49
CA PHE D 342 -9.07 1.86 26.11
C PHE D 342 -9.16 2.66 27.41
N PHE D 343 -9.81 3.82 27.38
CA PHE D 343 -9.97 4.61 28.60
C PHE D 343 -10.84 3.89 29.61
N LEU D 344 -11.91 3.25 29.16
CA LEU D 344 -12.83 2.60 30.08
C LEU D 344 -12.14 1.48 30.85
N PHE D 345 -11.30 0.70 30.18
CA PHE D 345 -10.61 -0.39 30.85
C PHE D 345 -9.46 0.10 31.71
N TRP D 346 -8.79 1.19 31.30
CA TRP D 346 -7.69 1.74 32.06
C TRP D 346 -8.13 2.75 33.11
N THR D 347 -9.38 3.21 33.08
CA THR D 347 -9.84 4.17 34.08
C THR D 347 -9.81 3.59 35.48
N PRO D 348 -10.31 2.39 35.74
CA PRO D 348 -10.23 1.84 37.11
C PRO D 348 -8.80 1.69 37.60
N TYR D 349 -7.85 1.37 36.72
CA TYR D 349 -6.46 1.29 37.14
C TYR D 349 -5.90 2.67 37.47
N ASN D 350 -6.29 3.69 36.70
CA ASN D 350 -5.74 5.01 36.90
C ASN D 350 -6.30 5.66 38.16
N VAL D 351 -7.57 5.43 38.47
CA VAL D 351 -8.15 6.01 39.67
C VAL D 351 -7.53 5.38 40.92
N VAL D 352 -7.40 4.05 40.93
CA VAL D 352 -6.88 3.38 42.11
C VAL D 352 -5.42 3.71 42.34
N ILE D 353 -4.63 3.72 41.27
CA ILE D 353 -3.21 4.05 41.41
C ILE D 353 -3.04 5.49 41.86
N PHE D 354 -3.97 6.36 41.46
CA PHE D 354 -3.96 7.73 41.98
C PHE D 354 -4.37 7.77 43.45
N LEU D 355 -5.36 6.96 43.83
CA LEU D 355 -5.78 6.95 45.23
C LEU D 355 -4.67 6.48 46.15
N GLU D 356 -3.98 5.40 45.78
CA GLU D 356 -2.87 4.93 46.60
C GLU D 356 -1.75 5.96 46.65
N THR D 357 -1.61 6.75 45.59
CA THR D 357 -0.70 7.90 45.66
C THR D 357 -1.14 8.87 46.75
N LEU D 358 -2.44 9.14 46.84
CA LEU D 358 -2.96 9.94 47.94
C LEU D 358 -2.82 9.24 49.28
N LYS D 359 -2.68 7.91 49.27
CA LYS D 359 -2.50 7.18 50.52
C LYS D 359 -1.26 7.65 51.26
N LEU D 360 -0.21 8.04 50.54
CA LEU D 360 0.98 8.59 51.19
C LEU D 360 0.65 9.81 52.02
N TYR D 361 -0.41 10.53 51.66
CA TYR D 361 -0.87 11.69 52.42
C TYR D 361 -1.96 11.33 53.42
N ASP D 362 -2.17 10.05 53.69
CA ASP D 362 -3.22 9.60 54.62
C ASP D 362 -4.61 9.88 54.06
N PHE D 363 -4.81 9.58 52.77
CA PHE D 363 -6.11 9.78 52.16
C PHE D 363 -7.10 8.71 52.61
N PHE D 364 -6.64 7.47 52.74
CA PHE D 364 -7.48 6.35 53.17
C PHE D 364 -6.77 5.60 54.28
N PRO D 365 -6.63 6.22 55.46
CA PRO D 365 -5.92 5.54 56.56
C PRO D 365 -6.60 4.26 57.01
N SER D 366 -7.91 4.13 56.81
CA SER D 366 -8.63 2.94 57.26
C SER D 366 -8.00 1.69 56.67
N CYS D 367 -7.77 0.69 57.53
CA CYS D 367 -7.22 -0.57 57.08
C CYS D 367 -8.15 -1.26 56.08
N ASP D 368 -9.45 -1.26 56.37
CA ASP D 368 -10.40 -1.86 55.43
C ASP D 368 -10.37 -1.13 54.09
N MET D 369 -10.27 0.20 54.11
CA MET D 369 -10.16 0.95 52.87
C MET D 369 -8.89 0.56 52.12
N ARG D 370 -7.78 0.39 52.83
CA ARG D 370 -6.53 0.00 52.18
C ARG D 370 -6.70 -1.34 51.46
N LYS D 371 -7.33 -2.31 52.13
CA LYS D 371 -7.57 -3.60 51.50
C LYS D 371 -8.47 -3.45 50.27
N ASP D 372 -9.51 -2.62 50.37
CA ASP D 372 -10.38 -2.41 49.23
C ASP D 372 -9.62 -1.80 48.05
N LEU D 373 -8.77 -0.81 48.32
CA LEU D 373 -7.97 -0.23 47.26
C LEU D 373 -7.02 -1.26 46.65
N ARG D 374 -6.39 -2.09 47.49
CA ARG D 374 -5.51 -3.13 46.98
C ARG D 374 -6.29 -4.11 46.11
N LEU D 375 -7.48 -4.53 46.57
CA LEU D 375 -8.31 -5.41 45.75
C LEU D 375 -8.72 -4.73 44.46
N ALA D 376 -9.09 -3.45 44.53
CA ALA D 376 -9.47 -2.72 43.33
C ALA D 376 -8.32 -2.66 42.32
N LEU D 377 -7.11 -2.39 42.81
CA LEU D 377 -5.95 -2.32 41.93
C LEU D 377 -5.67 -3.68 41.27
N SER D 378 -5.80 -4.76 42.04
CA SER D 378 -5.56 -6.09 41.47
C SER D 378 -6.56 -6.41 40.37
N VAL D 379 -7.85 -6.13 40.59
CA VAL D 379 -8.86 -6.52 39.61
C VAL D 379 -8.77 -5.68 38.34
N THR D 380 -8.46 -4.39 38.47
CA THR D 380 -8.38 -3.55 37.28
C THR D 380 -7.18 -3.90 36.41
N GLU D 381 -6.08 -4.35 37.02
CA GLU D 381 -4.99 -4.89 36.23
C GLU D 381 -5.42 -6.16 35.50
N THR D 382 -6.26 -6.98 36.14
CA THR D 382 -6.86 -8.10 35.43
C THR D 382 -7.76 -7.61 34.31
N VAL D 383 -8.49 -6.50 34.54
CA VAL D 383 -9.30 -5.91 33.48
C VAL D 383 -8.42 -5.45 32.34
N ALA D 384 -7.29 -4.81 32.65
CA ALA D 384 -6.37 -4.39 31.60
C ALA D 384 -5.82 -5.59 30.83
N PHE D 385 -5.51 -6.67 31.55
CA PHE D 385 -5.03 -7.87 30.87
C PHE D 385 -6.07 -8.42 29.92
N SER D 386 -7.35 -8.41 30.33
CA SER D 386 -8.42 -8.85 29.44
C SER D 386 -8.56 -7.92 28.26
N HIS D 387 -8.35 -6.61 28.47
CA HIS D 387 -8.50 -5.65 27.38
C HIS D 387 -7.46 -5.87 26.29
N CYS D 388 -6.21 -6.16 26.68
CA CYS D 388 -5.14 -6.28 25.68
C CYS D 388 -5.38 -7.44 24.73
N CYS D 389 -6.12 -8.47 25.18
CA CYS D 389 -6.55 -9.52 24.28
C CYS D 389 -7.91 -9.23 23.65
N LEU D 390 -8.72 -8.38 24.28
CA LEU D 390 -9.99 -7.97 23.70
C LEU D 390 -9.81 -6.98 22.56
N ASN D 391 -8.68 -6.25 22.54
CA ASN D 391 -8.46 -5.27 21.48
C ASN D 391 -8.52 -5.92 20.10
N PRO D 392 -7.80 -7.01 19.82
CA PRO D 392 -8.01 -7.67 18.52
C PRO D 392 -9.43 -8.18 18.33
N LEU D 393 -10.10 -8.56 19.42
CA LEU D 393 -11.49 -9.00 19.31
C LEU D 393 -12.37 -7.87 18.81
N ILE D 394 -12.18 -6.66 19.34
CA ILE D 394 -12.92 -5.51 18.85
C ILE D 394 -12.54 -5.22 17.40
N TYR D 395 -11.28 -5.41 17.06
CA TYR D 395 -10.84 -5.21 15.68
C TYR D 395 -11.62 -6.11 14.73
N ALA D 396 -11.76 -7.39 15.09
CA ALA D 396 -12.53 -8.31 14.26
C ALA D 396 -14.01 -7.92 14.23
N PHE D 397 -14.56 -7.51 15.38
CA PHE D 397 -15.97 -7.16 15.43
C PHE D 397 -16.30 -5.99 14.51
N ALA D 398 -15.44 -4.96 14.52
CA ALA D 398 -15.69 -3.76 13.74
C ALA D 398 -15.02 -3.81 12.36
N GLY D 399 -13.83 -4.41 12.28
CA GLY D 399 -13.14 -4.46 11.00
C GLY D 399 -13.91 -5.25 9.96
N GLU D 400 -13.74 -4.84 8.71
CA GLU D 400 -14.40 -5.50 7.58
C GLU D 400 -13.42 -6.35 6.78
N LYS D 401 -12.32 -5.76 6.31
CA LYS D 401 -11.30 -6.55 5.63
C LYS D 401 -10.63 -7.52 6.58
N PHE D 402 -10.53 -7.18 7.86
CA PHE D 402 -9.97 -8.10 8.84
C PHE D 402 -10.79 -9.39 8.92
N ARG D 403 -12.12 -9.27 8.88
CA ARG D 403 -12.96 -10.46 8.86
C ARG D 403 -12.66 -11.31 7.63
N ARG D 404 -12.47 -10.67 6.48
CA ARG D 404 -12.13 -11.42 5.27
C ARG D 404 -10.83 -12.19 5.45
N TYR D 405 -9.84 -11.59 6.11
CA TYR D 405 -8.59 -12.29 6.37
C TYR D 405 -8.82 -13.52 7.24
N LEU D 406 -9.68 -13.41 8.25
CA LEU D 406 -10.00 -14.56 9.07
C LEU D 406 -10.62 -15.67 8.25
N TYR D 407 -11.54 -15.32 7.34
CA TYR D 407 -12.12 -16.32 6.45
C TYR D 407 -11.10 -16.81 5.43
N HIS D 408 -10.20 -15.93 4.99
CA HIS D 408 -9.17 -16.35 4.04
C HIS D 408 -8.27 -17.43 4.64
N LEU D 409 -7.88 -17.27 5.90
CA LEU D 409 -7.08 -18.27 6.59
C LEU D 409 -7.91 -19.42 7.13
N TYR D 410 -9.24 -19.32 7.09
CA TYR D 410 -10.11 -20.36 7.60
C TYR D 410 -10.03 -21.61 6.72
C1 CLR E . 10.67 11.66 16.02
C2 CLR E . 11.62 11.75 14.84
C3 CLR E . 10.93 12.24 13.52
C4 CLR E . 10.21 13.60 13.89
C5 CLR E . 9.29 13.43 15.01
C6 CLR E . 7.99 14.11 14.90
C7 CLR E . 6.89 13.77 15.82
C8 CLR E . 7.40 13.37 17.21
C9 CLR E . 8.53 12.33 17.15
C10 CLR E . 9.75 12.87 16.31
C11 CLR E . 8.91 11.79 18.54
C12 CLR E . 7.80 11.57 19.59
C13 CLR E . 6.70 12.63 19.57
C14 CLR E . 6.27 12.79 18.08
C15 CLR E . 4.95 13.54 18.14
C16 CLR E . 4.35 13.23 19.53
C17 CLR E . 5.33 12.29 20.27
C18 CLR E . 7.28 13.93 20.16
C19 CLR E . 10.54 13.93 17.11
C20 CLR E . 5.26 12.42 21.84
C21 CLR E . 6.10 11.33 22.51
C22 CLR E . 3.82 12.35 22.43
C23 CLR E . 3.73 11.71 23.84
C24 CLR E . 2.46 10.85 24.08
C25 CLR E . 1.55 11.38 25.22
C26 CLR E . 0.08 11.10 24.97
C27 CLR E . 1.92 10.81 26.60
O1 CLR E . 11.75 12.35 12.52
C1 CLR F . -19.82 15.59 19.21
C2 CLR F . -20.91 14.91 18.41
C3 CLR F . -20.45 13.55 17.80
C4 CLR F . -19.86 12.69 18.98
C5 CLR F . -18.83 13.40 19.73
C6 CLR F . -17.66 12.63 20.13
C7 CLR F . -16.47 13.27 20.71
C8 CLR F . -16.80 14.59 21.42
C9 CLR F . -17.73 15.49 20.60
C10 CLR F . -19.09 14.75 20.28
C11 CLR F . -17.92 16.88 21.24
C12 CLR F . -16.69 17.59 21.84
C13 CLR F . -15.75 16.65 22.61
C14 CLR F . -15.52 15.40 21.72
C15 CLR F . -14.37 14.68 22.41
C16 CLR F . -13.54 15.79 23.09
C17 CLR F . -14.27 17.14 22.84
C18 CLR F . -16.41 16.30 23.96
C19 CLR F . -19.97 14.66 21.55
C20 CLR F . -13.99 18.23 23.94
C21 CLR F . -15.00 19.38 23.86
C22 CLR F . -12.57 18.86 23.86
C23 CLR F . -11.94 19.26 25.22
C24 CLR F . -10.41 19.50 25.17
C25 CLR F . -9.89 20.53 26.22
C26 CLR F . -8.37 20.43 26.42
C27 CLR F . -10.26 21.97 25.88
O1 CLR F . -21.38 12.94 17.12
#